data_4WWS
#
_entry.id   4WWS
#
_cell.length_a   78.000
_cell.length_b   128.320
_cell.length_c   78.150
_cell.angle_alpha   90.000
_cell.angle_beta   105.910
_cell.angle_gamma   90.000
#
_symmetry.space_group_name_H-M   'P 1 21 1'
#
loop_
_entity.id
_entity.type
_entity.pdbx_description
1 polymer 'Putative heme-dependent peroxidase lmo2113'
2 non-polymer 'POTASSIUM ION'
3 water water
#
_entity_poly.entity_id   1
_entity_poly.type   'polypeptide(L)'
_entity_poly.pdbx_seq_one_letter_code
;GAMNEAVKTLDGWFCLHDFRSIDWAAWRELNPGNQELMLNELSHFLSDMEITKNIGEGEHTIYSILGQKADLVFFTLRDS
LEALNEVENRFNKLAIADYLLPTYSYISVVELSNYLASHMAGGDDPYQNKGVRARLYPALPPKKHICFYPMSKKRDGADN
WYMLPMEERQQLIRDHGLIGRSYAGKVQQIIGGSIGFDDYEWGVTLFSDDALEFKRIVTEMRFDEASARYAEFGSFFIGN
LLLSEQLSKLFTI
;
_entity_poly.pdbx_strand_id   A,B,C,D,E
#
# COMPACT_ATOMS: atom_id res chain seq x y z
N VAL A 7 -27.68 -10.57 16.40
CA VAL A 7 -26.53 -9.76 16.76
C VAL A 7 -25.73 -10.40 17.90
N LYS A 8 -26.25 -11.51 18.43
CA LYS A 8 -25.58 -12.24 19.50
C LYS A 8 -24.80 -13.42 18.91
N THR A 9 -23.81 -13.91 19.67
CA THR A 9 -22.95 -14.98 19.18
C THR A 9 -22.52 -15.95 20.28
N LEU A 10 -22.33 -17.20 19.88
CA LEU A 10 -21.64 -18.19 20.69
C LEU A 10 -20.21 -18.31 20.16
N ASP A 11 -19.24 -18.21 21.06
CA ASP A 11 -17.83 -18.15 20.65
C ASP A 11 -17.01 -19.31 21.21
N GLY A 12 -16.21 -19.92 20.35
CA GLY A 12 -15.42 -21.09 20.72
C GLY A 12 -13.93 -20.79 20.82
N TRP A 13 -13.14 -21.54 20.05
CA TRP A 13 -11.68 -21.43 20.10
C TRP A 13 -11.18 -20.18 19.40
N PHE A 14 -10.17 -19.54 19.99
CA PHE A 14 -9.49 -18.43 19.35
C PHE A 14 -8.55 -18.97 18.27
N CYS A 15 -8.50 -18.29 17.13
CA CYS A 15 -7.79 -18.80 15.96
C CYS A 15 -6.63 -17.92 15.51
N LEU A 16 -5.66 -18.56 14.87
CA LEU A 16 -4.53 -17.88 14.27
C LEU A 16 -4.20 -18.50 12.91
N HIS A 17 -4.34 -17.70 11.87
CA HIS A 17 -3.84 -18.09 10.55
C HIS A 17 -2.49 -17.42 10.36
N ASP A 18 -1.42 -18.23 10.34
CA ASP A 18 -0.07 -17.72 10.25
C ASP A 18 0.55 -18.08 8.91
N PHE A 19 0.55 -17.13 7.97
CA PHE A 19 1.13 -17.34 6.65
C PHE A 19 2.62 -17.03 6.66
N ARG A 20 3.40 -17.88 5.99
CA ARG A 20 4.86 -17.77 6.01
C ARG A 20 5.46 -18.02 4.63
N SER A 21 6.52 -17.27 4.31
CA SER A 21 7.30 -17.49 3.11
C SER A 21 8.67 -18.07 3.47
N ILE A 22 9.10 -19.08 2.73
CA ILE A 22 10.37 -19.75 2.98
C ILE A 22 11.54 -18.98 2.37
N ASP A 23 12.50 -18.59 3.22
CA ASP A 23 13.71 -17.91 2.76
C ASP A 23 14.70 -18.95 2.23
N TRP A 24 14.50 -19.37 0.98
CA TRP A 24 15.34 -20.39 0.36
C TRP A 24 16.79 -19.96 0.22
N ALA A 25 17.01 -18.66 0.08
CA ALA A 25 18.35 -18.12 -0.12
C ALA A 25 19.23 -18.34 1.11
N ALA A 26 18.66 -18.08 2.28
CA ALA A 26 19.38 -18.26 3.54
C ALA A 26 19.41 -19.74 3.95
N TRP A 27 18.37 -20.46 3.57
CA TRP A 27 18.22 -21.87 3.94
C TRP A 27 19.26 -22.74 3.24
N ARG A 28 19.57 -22.41 1.99
CA ARG A 28 20.50 -23.21 1.19
C ARG A 28 21.94 -23.02 1.63
N GLU A 29 22.17 -22.09 2.56
CA GLU A 29 23.52 -21.84 3.06
C GLU A 29 23.89 -22.79 4.20
N LEU A 30 22.89 -23.28 4.91
CA LEU A 30 23.12 -24.25 5.98
C LEU A 30 23.58 -25.59 5.39
N ASN A 31 24.43 -26.30 6.12
CA ASN A 31 24.79 -27.66 5.73
C ASN A 31 23.66 -28.60 6.13
N PRO A 32 23.60 -29.78 5.49
CA PRO A 32 22.51 -30.73 5.77
C PRO A 32 22.39 -31.09 7.25
N GLY A 33 23.52 -31.11 7.94
CA GLY A 33 23.54 -31.42 9.36
C GLY A 33 22.75 -30.42 10.19
N ASN A 34 22.95 -29.13 9.92
CA ASN A 34 22.24 -28.08 10.64
C ASN A 34 20.77 -28.01 10.25
N GLN A 35 20.47 -28.30 8.99
CA GLN A 35 19.09 -28.35 8.53
C GLN A 35 18.33 -29.46 9.25
N GLU A 36 19.02 -30.57 9.48
CA GLU A 36 18.44 -31.72 10.15
C GLU A 36 18.08 -31.39 11.59
N LEU A 37 18.95 -30.65 12.27
CA LEU A 37 18.72 -30.29 13.67
C LEU A 37 17.52 -29.36 13.80
N MET A 38 17.37 -28.44 12.84
CA MET A 38 16.25 -27.51 12.87
C MET A 38 14.94 -28.24 12.58
N LEU A 39 14.98 -29.15 11.61
CA LEU A 39 13.81 -29.95 11.28
C LEU A 39 13.46 -30.88 12.44
N ASN A 40 14.48 -31.37 13.15
CA ASN A 40 14.25 -32.18 14.34
C ASN A 40 13.51 -31.39 15.39
N GLU A 41 13.91 -30.13 15.59
CA GLU A 41 13.27 -29.27 16.58
C GLU A 41 11.85 -28.93 16.18
N LEU A 42 11.58 -28.86 14.88
CA LEU A 42 10.25 -28.57 14.38
C LEU A 42 9.31 -29.75 14.62
N SER A 43 9.81 -30.95 14.35
CA SER A 43 9.01 -32.16 14.55
C SER A 43 8.59 -32.29 16.01
N HIS A 44 9.48 -31.89 16.91
CA HIS A 44 9.17 -31.92 18.33
C HIS A 44 8.08 -30.91 18.66
N PHE A 45 8.20 -29.71 18.09
CA PHE A 45 7.21 -28.66 18.26
C PHE A 45 5.84 -29.13 17.76
N LEU A 46 5.82 -29.75 16.59
CA LEU A 46 4.57 -30.20 15.99
C LEU A 46 3.96 -31.37 16.75
N SER A 47 4.80 -32.17 17.41
CA SER A 47 4.32 -33.26 18.24
C SER A 47 3.68 -32.71 19.51
N ASP A 48 4.20 -31.58 19.98
CA ASP A 48 3.61 -30.88 21.12
C ASP A 48 2.22 -30.40 20.76
N MET A 49 2.08 -29.88 19.55
CA MET A 49 0.80 -29.41 19.04
C MET A 49 -0.21 -30.55 18.98
N GLU A 50 0.27 -31.71 18.55
CA GLU A 50 -0.58 -32.90 18.39
C GLU A 50 -1.11 -33.36 19.75
N ILE A 51 -0.31 -33.21 20.79
CA ILE A 51 -0.71 -33.62 22.13
C ILE A 51 -1.87 -32.77 22.63
N THR A 52 -1.81 -31.47 22.38
CA THR A 52 -2.88 -30.55 22.76
C THR A 52 -4.17 -30.93 22.04
N LYS A 53 -4.01 -31.37 20.80
CA LYS A 53 -5.14 -31.80 19.98
C LYS A 53 -5.76 -33.09 20.54
N ASN A 54 -4.91 -34.01 20.98
CA ASN A 54 -5.39 -35.30 21.47
C ASN A 54 -6.13 -35.21 22.80
N ILE A 55 -5.88 -34.15 23.57
CA ILE A 55 -6.56 -33.94 24.84
C ILE A 55 -7.76 -33.01 24.68
N GLY A 56 -8.03 -32.60 23.45
CA GLY A 56 -9.20 -31.79 23.15
C GLY A 56 -9.15 -30.39 23.73
N GLU A 57 -8.01 -29.73 23.57
CA GLU A 57 -7.84 -28.36 24.05
C GLU A 57 -7.32 -27.44 22.93
N GLY A 58 -7.39 -27.92 21.70
CA GLY A 58 -6.97 -27.13 20.57
C GLY A 58 -6.87 -27.94 19.29
N GLU A 59 -6.53 -27.26 18.20
CA GLU A 59 -6.36 -27.90 16.90
C GLU A 59 -5.25 -27.20 16.12
N HIS A 60 -4.71 -27.90 15.12
CA HIS A 60 -3.71 -27.30 14.25
C HIS A 60 -3.57 -28.08 12.95
N THR A 61 -3.15 -27.39 11.89
CA THR A 61 -2.93 -28.02 10.60
C THR A 61 -2.00 -27.16 9.75
N ILE A 62 -1.40 -27.78 8.73
CA ILE A 62 -0.48 -27.09 7.84
C ILE A 62 -0.86 -27.32 6.38
N TYR A 63 -0.89 -26.24 5.61
CA TYR A 63 -1.16 -26.30 4.18
C TYR A 63 -0.13 -25.51 3.39
N SER A 64 0.28 -26.05 2.25
CA SER A 64 1.16 -25.34 1.33
C SER A 64 0.36 -24.39 0.46
N ILE A 65 0.68 -23.10 0.53
CA ILE A 65 -0.04 -22.07 -0.22
C ILE A 65 0.56 -21.87 -1.60
N LEU A 66 -0.29 -21.62 -2.58
CA LEU A 66 0.16 -21.33 -3.95
C LEU A 66 0.32 -19.83 -4.16
N GLY A 67 1.27 -19.46 -5.01
CA GLY A 67 1.53 -18.07 -5.31
C GLY A 67 2.60 -17.47 -4.41
N GLN A 68 2.83 -16.17 -4.54
CA GLN A 68 3.88 -15.49 -3.80
C GLN A 68 3.38 -14.94 -2.46
N LYS A 69 2.07 -15.02 -2.22
CA LYS A 69 1.49 -14.56 -0.97
C LYS A 69 2.10 -15.29 0.23
N ALA A 70 2.35 -16.58 0.05
CA ALA A 70 2.93 -17.41 1.10
C ALA A 70 3.33 -18.78 0.56
N ASP A 71 4.17 -19.48 1.32
CA ASP A 71 4.56 -20.85 0.99
C ASP A 71 3.87 -21.84 1.92
N LEU A 72 3.57 -21.39 3.13
CA LEU A 72 2.96 -22.22 4.15
C LEU A 72 1.97 -21.40 4.98
N VAL A 73 0.94 -22.07 5.48
CA VAL A 73 0.04 -21.48 6.46
C VAL A 73 -0.01 -22.40 7.67
N PHE A 74 0.04 -21.81 8.86
CA PHE A 74 -0.08 -22.56 10.10
C PHE A 74 -1.37 -22.13 10.80
N PHE A 75 -2.43 -22.91 10.59
CA PHE A 75 -3.72 -22.65 11.20
C PHE A 75 -3.76 -23.31 12.58
N THR A 76 -3.91 -22.50 13.62
CA THR A 76 -3.91 -23.00 15.00
C THR A 76 -5.10 -22.48 15.80
N LEU A 77 -5.71 -23.36 16.58
CA LEU A 77 -6.86 -23.02 17.41
C LEU A 77 -6.58 -23.37 18.87
N ARG A 78 -6.87 -22.42 19.76
CA ARG A 78 -6.64 -22.61 21.19
C ARG A 78 -7.76 -21.97 22.01
N ASP A 79 -7.88 -22.38 23.27
CA ASP A 79 -8.99 -21.96 24.12
C ASP A 79 -8.77 -20.60 24.76
N SER A 80 -7.58 -20.03 24.60
CA SER A 80 -7.27 -18.73 25.16
C SER A 80 -6.26 -17.99 24.30
N LEU A 81 -6.25 -16.67 24.41
CA LEU A 81 -5.30 -15.83 23.68
C LEU A 81 -3.90 -15.96 24.30
N GLU A 82 -3.85 -16.30 25.59
CA GLU A 82 -2.58 -16.54 26.25
C GLU A 82 -1.91 -17.79 25.69
N ALA A 83 -2.73 -18.81 25.42
CA ALA A 83 -2.23 -20.05 24.85
C ALA A 83 -1.86 -19.84 23.39
N LEU A 84 -2.70 -19.08 22.68
CA LEU A 84 -2.51 -18.82 21.26
C LEU A 84 -1.22 -18.03 21.03
N ASN A 85 -1.02 -16.99 21.82
CA ASN A 85 0.19 -16.17 21.72
C ASN A 85 1.45 -16.96 22.06
N GLU A 86 1.34 -17.87 23.03
CA GLU A 86 2.47 -18.69 23.44
C GLU A 86 2.93 -19.61 22.32
N VAL A 87 1.98 -20.16 21.58
CA VAL A 87 2.29 -20.97 20.41
C VAL A 87 3.05 -20.12 19.41
N GLU A 88 2.64 -18.87 19.28
CA GLU A 88 3.22 -17.93 18.34
C GLU A 88 4.67 -17.61 18.70
N ASN A 89 4.88 -17.23 19.96
CA ASN A 89 6.23 -16.93 20.45
C ASN A 89 7.12 -18.15 20.42
N ARG A 90 6.58 -19.31 20.80
CA ARG A 90 7.34 -20.55 20.81
C ARG A 90 7.76 -20.94 19.39
N PHE A 91 6.90 -20.63 18.42
CA PHE A 91 7.17 -20.96 17.03
C PHE A 91 8.32 -20.12 16.48
N ASN A 92 8.26 -18.82 16.71
CA ASN A 92 9.29 -17.90 16.22
C ASN A 92 10.66 -18.18 16.84
N LYS A 93 10.66 -18.76 18.04
CA LYS A 93 11.90 -19.06 18.74
C LYS A 93 12.58 -20.31 18.16
N LEU A 94 11.87 -21.04 17.32
CA LEU A 94 12.46 -22.18 16.61
C LEU A 94 13.54 -21.67 15.67
N ALA A 95 14.62 -22.44 15.54
CA ALA A 95 15.73 -22.07 14.70
C ALA A 95 15.30 -21.96 13.24
N ILE A 96 14.35 -22.81 12.83
CA ILE A 96 13.89 -22.83 11.45
C ILE A 96 12.97 -21.66 11.15
N ALA A 97 12.37 -21.08 12.19
CA ALA A 97 11.45 -19.96 12.02
C ALA A 97 12.15 -18.72 11.48
N ASP A 98 13.46 -18.66 11.66
CA ASP A 98 14.25 -17.57 11.08
C ASP A 98 14.20 -17.62 9.56
N TYR A 99 13.84 -18.78 9.02
CA TYR A 99 13.72 -18.99 7.59
C TYR A 99 12.27 -18.99 7.13
N LEU A 100 11.36 -18.75 8.08
CA LEU A 100 9.93 -18.66 7.79
C LEU A 100 9.47 -17.22 7.96
N LEU A 101 9.49 -16.47 6.87
CA LEU A 101 9.23 -15.04 6.91
C LEU A 101 7.74 -14.73 6.92
N PRO A 102 7.28 -13.89 7.87
CA PRO A 102 5.86 -13.55 7.93
C PRO A 102 5.40 -12.71 6.73
N THR A 103 4.27 -13.09 6.14
CA THR A 103 3.74 -12.39 4.97
C THR A 103 2.31 -11.93 5.20
N TYR A 104 1.59 -12.61 6.09
CA TYR A 104 0.22 -12.27 6.42
C TYR A 104 -0.26 -13.08 7.61
N SER A 105 -1.19 -12.52 8.38
CA SER A 105 -1.80 -13.25 9.48
C SER A 105 -3.24 -12.85 9.69
N TYR A 106 -3.94 -13.61 10.52
CA TYR A 106 -5.29 -13.24 10.92
C TYR A 106 -5.67 -13.84 12.27
N ILE A 107 -6.33 -13.02 13.08
CA ILE A 107 -6.80 -13.44 14.40
C ILE A 107 -8.32 -13.42 14.43
N SER A 108 -8.91 -14.52 14.89
CA SER A 108 -10.36 -14.62 15.00
C SER A 108 -10.74 -15.61 16.09
N VAL A 109 -12.05 -15.80 16.24
CA VAL A 109 -12.59 -16.78 17.17
C VAL A 109 -13.79 -17.47 16.52
N VAL A 110 -13.87 -18.78 16.65
CA VAL A 110 -14.94 -19.56 16.03
C VAL A 110 -16.29 -19.01 16.50
N GLU A 111 -17.11 -18.60 15.53
CA GLU A 111 -18.34 -17.87 15.82
C GLU A 111 -19.58 -18.58 15.28
N LEU A 112 -20.62 -18.64 16.12
CA LEU A 112 -21.93 -19.10 15.70
C LEU A 112 -22.97 -18.02 16.00
N SER A 113 -23.45 -17.37 14.96
CA SER A 113 -24.42 -16.29 15.11
C SER A 113 -25.80 -16.85 15.47
N ASN A 114 -26.69 -15.97 15.93
CA ASN A 114 -28.03 -16.36 16.36
C ASN A 114 -29.11 -15.96 15.35
N TYR A 115 -28.70 -15.67 14.12
CA TYR A 115 -29.67 -15.37 13.06
C TYR A 115 -30.61 -16.56 12.87
N LEU A 116 -30.02 -17.74 12.77
CA LEU A 116 -30.77 -18.99 12.78
C LEU A 116 -30.33 -19.82 13.99
N ALA A 117 -31.20 -20.74 14.40
CA ALA A 117 -30.94 -21.54 15.59
C ALA A 117 -29.94 -22.66 15.31
N SER A 118 -29.17 -23.01 16.34
CA SER A 118 -28.24 -24.13 16.29
C SER A 118 -28.67 -25.21 17.27
N HIS A 119 -29.71 -24.91 18.05
CA HIS A 119 -30.23 -25.84 19.04
C HIS A 119 -31.58 -25.37 19.55
N MET A 120 -32.35 -26.28 20.13
CA MET A 120 -33.66 -25.93 20.69
C MET A 120 -33.49 -25.03 21.90
N ALA A 121 -34.32 -24.00 21.99
CA ALA A 121 -34.22 -23.02 23.07
C ALA A 121 -35.16 -23.33 24.23
N GLY A 122 -34.63 -23.99 25.26
CA GLY A 122 -35.44 -24.47 26.38
C GLY A 122 -34.86 -24.17 27.74
N GLY A 123 -34.45 -22.93 27.97
CA GLY A 123 -33.82 -22.55 29.22
C GLY A 123 -32.63 -23.47 29.45
N ASP A 124 -31.75 -23.50 28.46
CA ASP A 124 -30.76 -24.56 28.30
C ASP A 124 -29.40 -23.99 27.87
N ASP A 125 -28.32 -24.60 28.37
CA ASP A 125 -26.96 -24.13 28.11
C ASP A 125 -26.44 -24.67 26.78
N PRO A 126 -26.21 -23.78 25.79
CA PRO A 126 -25.78 -24.25 24.47
C PRO A 126 -24.40 -24.91 24.49
N TYR A 127 -23.53 -24.47 25.40
CA TYR A 127 -22.15 -24.94 25.44
C TYR A 127 -22.03 -26.39 25.91
N GLN A 128 -23.13 -26.94 26.40
CA GLN A 128 -23.18 -28.34 26.82
C GLN A 128 -23.72 -29.22 25.70
N ASN A 129 -24.28 -28.58 24.67
CA ASN A 129 -24.77 -29.30 23.49
C ASN A 129 -23.59 -29.77 22.64
N LYS A 130 -23.41 -31.08 22.57
CA LYS A 130 -22.29 -31.68 21.85
C LYS A 130 -22.30 -31.30 20.37
N GLY A 131 -23.50 -31.13 19.81
CA GLY A 131 -23.63 -30.72 18.43
C GLY A 131 -23.09 -29.32 18.24
N VAL A 132 -23.39 -28.45 19.20
CA VAL A 132 -22.87 -27.09 19.19
C VAL A 132 -21.36 -27.09 19.42
N ARG A 133 -20.91 -27.89 20.38
CA ARG A 133 -19.48 -27.97 20.71
C ARG A 133 -18.66 -28.42 19.52
N ALA A 134 -19.22 -29.30 18.70
CA ALA A 134 -18.54 -29.80 17.51
C ALA A 134 -18.34 -28.69 16.49
N ARG A 135 -19.10 -27.60 16.64
CA ARG A 135 -18.98 -26.45 15.76
C ARG A 135 -18.10 -25.37 16.39
N LEU A 136 -18.24 -25.18 17.70
CA LEU A 136 -17.44 -24.19 18.43
C LEU A 136 -15.98 -24.62 18.53
N TYR A 137 -15.77 -25.92 18.68
CA TYR A 137 -14.43 -26.48 18.84
C TYR A 137 -14.22 -27.55 17.76
N PRO A 138 -14.16 -27.11 16.50
CA PRO A 138 -14.19 -28.02 15.35
C PRO A 138 -12.91 -28.83 15.15
N ALA A 139 -13.07 -30.13 14.97
CA ALA A 139 -11.96 -30.98 14.55
C ALA A 139 -11.66 -30.67 13.09
N LEU A 140 -10.39 -30.43 12.78
CA LEU A 140 -10.00 -30.04 11.43
C LEU A 140 -9.95 -31.26 10.51
N PRO A 141 -10.69 -31.21 9.39
CA PRO A 141 -10.68 -32.35 8.47
C PRO A 141 -9.43 -32.37 7.60
N PRO A 142 -8.88 -33.57 7.32
CA PRO A 142 -7.69 -33.65 6.46
C PRO A 142 -8.06 -33.58 4.97
N LYS A 143 -8.77 -32.53 4.58
CA LYS A 143 -9.12 -32.32 3.19
C LYS A 143 -7.87 -31.92 2.40
N LYS A 144 -7.85 -32.28 1.12
CA LYS A 144 -6.67 -32.09 0.29
C LYS A 144 -6.35 -30.62 0.05
N HIS A 145 -7.35 -29.75 0.19
CA HIS A 145 -7.17 -28.32 -0.08
C HIS A 145 -7.83 -27.44 0.97
N ILE A 146 -7.33 -26.21 1.08
CA ILE A 146 -7.89 -25.21 1.98
C ILE A 146 -8.10 -23.90 1.23
N CYS A 147 -9.04 -23.09 1.71
CA CYS A 147 -9.25 -21.76 1.18
C CYS A 147 -9.56 -20.80 2.32
N PHE A 148 -8.77 -19.72 2.42
CA PHE A 148 -9.03 -18.69 3.43
C PHE A 148 -9.19 -17.32 2.80
N TYR A 149 -10.14 -16.56 3.33
CA TYR A 149 -10.32 -15.16 2.96
C TYR A 149 -11.05 -14.43 4.08
N PRO A 150 -10.58 -13.22 4.42
CA PRO A 150 -11.36 -12.40 5.35
C PRO A 150 -12.46 -11.62 4.62
N MET A 151 -13.49 -11.19 5.34
CA MET A 151 -14.55 -10.41 4.74
C MET A 151 -15.27 -9.55 5.76
N SER A 152 -16.05 -8.58 5.27
CA SER A 152 -16.84 -7.70 6.11
C SER A 152 -18.15 -7.36 5.43
N LYS A 153 -19.09 -6.83 6.20
CA LYS A 153 -20.37 -6.38 5.65
C LYS A 153 -20.31 -4.88 5.37
N LYS A 154 -20.67 -4.50 4.14
CA LYS A 154 -20.57 -3.11 3.70
C LYS A 154 -21.41 -2.16 4.55
N ARG A 155 -20.92 -0.93 4.65
CA ARG A 155 -21.68 0.17 5.25
C ARG A 155 -21.52 1.38 4.34
N ASP A 156 -22.05 1.26 3.13
CA ASP A 156 -21.83 2.23 2.07
C ASP A 156 -23.15 2.71 1.46
N GLY A 157 -23.68 3.81 2.01
CA GLY A 157 -24.87 4.43 1.46
C GLY A 157 -26.11 3.56 1.56
N ALA A 158 -26.74 3.32 0.41
CA ALA A 158 -27.95 2.51 0.35
C ALA A 158 -27.67 1.06 0.74
N ASP A 159 -26.42 0.64 0.55
CA ASP A 159 -26.00 -0.72 0.89
C ASP A 159 -25.32 -0.76 2.25
N ASN A 160 -26.11 -0.60 3.31
CA ASN A 160 -25.59 -0.62 4.67
C ASN A 160 -26.20 -1.78 5.46
N TRP A 161 -25.40 -2.82 5.67
CA TRP A 161 -25.84 -4.02 6.37
C TRP A 161 -26.27 -3.74 7.80
N TYR A 162 -25.53 -2.85 8.47
CA TYR A 162 -25.74 -2.60 9.89
C TYR A 162 -26.85 -1.58 10.17
N MET A 163 -27.49 -1.08 9.12
CA MET A 163 -28.66 -0.23 9.27
C MET A 163 -29.94 -1.00 8.91
N LEU A 164 -29.78 -2.25 8.50
CA LEU A 164 -30.92 -3.09 8.16
C LEU A 164 -31.65 -3.59 9.41
N PRO A 165 -32.98 -3.73 9.34
CA PRO A 165 -33.71 -4.33 10.46
C PRO A 165 -33.28 -5.78 10.69
N MET A 166 -33.49 -6.29 11.89
CA MET A 166 -33.09 -7.66 12.24
C MET A 166 -33.69 -8.68 11.29
N GLU A 167 -35.00 -8.58 11.04
CA GLU A 167 -35.70 -9.56 10.23
C GLU A 167 -35.22 -9.55 8.78
N GLU A 168 -34.76 -8.40 8.31
CA GLU A 168 -34.24 -8.29 6.95
C GLU A 168 -32.86 -8.94 6.86
N ARG A 169 -32.05 -8.74 7.88
CA ARG A 169 -30.74 -9.39 7.95
C ARG A 169 -30.91 -10.90 8.12
N GLN A 170 -31.94 -11.29 8.86
CA GLN A 170 -32.26 -12.70 9.04
C GLN A 170 -32.56 -13.36 7.70
N GLN A 171 -33.40 -12.72 6.90
CA GLN A 171 -33.78 -13.23 5.59
C GLN A 171 -32.55 -13.42 4.69
N LEU A 172 -31.66 -12.42 4.71
CA LEU A 172 -30.47 -12.45 3.86
C LEU A 172 -29.50 -13.54 4.29
N ILE A 173 -29.32 -13.70 5.59
CA ILE A 173 -28.45 -14.76 6.12
C ILE A 173 -29.09 -16.12 5.85
N ARG A 174 -30.41 -16.18 5.95
CA ARG A 174 -31.14 -17.43 5.72
C ARG A 174 -30.90 -17.92 4.30
N ASP A 175 -31.15 -17.06 3.32
CA ASP A 175 -30.97 -17.42 1.92
C ASP A 175 -29.52 -17.75 1.61
N HIS A 176 -28.61 -17.03 2.24
CA HIS A 176 -27.18 -17.28 2.10
C HIS A 176 -26.85 -18.67 2.62
N GLY A 177 -27.47 -19.03 3.75
CA GLY A 177 -27.25 -20.33 4.36
C GLY A 177 -27.69 -21.49 3.49
N LEU A 178 -28.80 -21.31 2.78
CA LEU A 178 -29.32 -22.36 1.90
C LEU A 178 -28.25 -22.82 0.90
N ILE A 179 -27.52 -21.86 0.34
CA ILE A 179 -26.43 -22.17 -0.56
C ILE A 179 -25.31 -22.89 0.19
N GLY A 180 -25.02 -22.41 1.39
CA GLY A 180 -23.94 -22.96 2.19
C GLY A 180 -24.13 -24.44 2.48
N ARG A 181 -25.37 -24.85 2.72
CA ARG A 181 -25.65 -26.22 3.11
C ARG A 181 -25.88 -27.13 1.90
N SER A 182 -26.03 -26.54 0.72
CA SER A 182 -26.12 -27.33 -0.50
C SER A 182 -24.75 -27.90 -0.87
N TYR A 183 -23.71 -27.40 -0.20
CA TYR A 183 -22.35 -27.85 -0.44
C TYR A 183 -21.83 -28.71 0.71
N ALA A 184 -22.73 -29.10 1.62
CA ALA A 184 -22.37 -30.00 2.71
C ALA A 184 -21.94 -31.35 2.13
N GLY A 185 -20.81 -31.86 2.61
CA GLY A 185 -20.25 -33.10 2.10
C GLY A 185 -19.23 -32.86 1.01
N LYS A 186 -19.19 -31.64 0.51
CA LYS A 186 -18.22 -31.22 -0.50
C LYS A 186 -17.33 -30.12 0.05
N VAL A 187 -17.92 -29.25 0.86
CA VAL A 187 -17.18 -28.15 1.48
C VAL A 187 -17.56 -28.01 2.95
N GLN A 188 -16.54 -27.99 3.80
CA GLN A 188 -16.71 -27.73 5.23
C GLN A 188 -16.22 -26.32 5.54
N GLN A 189 -16.95 -25.62 6.40
CA GLN A 189 -16.68 -24.21 6.66
C GLN A 189 -16.41 -23.93 8.14
N ILE A 190 -15.39 -23.13 8.39
CA ILE A 190 -15.11 -22.59 9.71
C ILE A 190 -15.21 -21.07 9.64
N ILE A 191 -16.19 -20.52 10.36
CA ILE A 191 -16.40 -19.08 10.39
C ILE A 191 -15.85 -18.51 11.69
N GLY A 192 -14.83 -17.66 11.56
CA GLY A 192 -14.22 -17.00 12.70
C GLY A 192 -14.58 -15.53 12.73
N GLY A 193 -15.24 -15.09 13.81
CA GLY A 193 -15.53 -13.69 14.01
C GLY A 193 -14.29 -12.95 14.44
N SER A 194 -14.06 -11.76 13.88
CA SER A 194 -12.85 -11.00 14.14
C SER A 194 -13.13 -9.52 14.37
N ILE A 195 -14.38 -9.18 14.64
CA ILE A 195 -14.70 -7.80 15.00
C ILE A 195 -14.07 -7.51 16.35
N GLY A 196 -13.15 -6.55 16.36
CA GLY A 196 -12.42 -6.19 17.56
C GLY A 196 -11.10 -6.92 17.67
N PHE A 197 -10.87 -7.89 16.79
CA PHE A 197 -9.67 -8.72 16.84
C PHE A 197 -8.76 -8.50 15.63
N ASP A 198 -9.33 -8.12 14.50
CA ASP A 198 -8.56 -7.93 13.28
C ASP A 198 -9.20 -6.91 12.34
N ASP A 199 -8.66 -6.79 11.13
CA ASP A 199 -9.00 -5.69 10.23
C ASP A 199 -10.34 -5.87 9.52
N TYR A 200 -10.75 -7.12 9.33
CA TYR A 200 -12.06 -7.42 8.76
C TYR A 200 -12.97 -7.98 9.85
N GLU A 201 -14.21 -8.29 9.48
CA GLU A 201 -15.22 -8.68 10.46
C GLU A 201 -15.35 -10.19 10.62
N TRP A 202 -14.92 -10.93 9.61
CA TRP A 202 -14.91 -12.38 9.68
C TRP A 202 -13.72 -12.96 8.92
N GLY A 203 -13.29 -14.15 9.34
CA GLY A 203 -12.27 -14.90 8.65
C GLY A 203 -12.84 -16.25 8.28
N VAL A 204 -13.01 -16.48 6.98
CA VAL A 204 -13.65 -17.69 6.49
C VAL A 204 -12.61 -18.71 6.05
N THR A 205 -12.72 -19.93 6.57
CA THR A 205 -11.86 -21.03 6.18
C THR A 205 -12.70 -22.15 5.56
N LEU A 206 -12.31 -22.58 4.36
CA LEU A 206 -13.00 -23.66 3.65
C LEU A 206 -12.08 -24.85 3.47
N PHE A 207 -12.66 -26.05 3.54
CA PHE A 207 -11.93 -27.30 3.33
C PHE A 207 -12.64 -28.15 2.28
N SER A 208 -11.87 -28.78 1.40
CA SER A 208 -12.43 -29.60 0.33
C SER A 208 -11.35 -30.44 -0.36
N ASP A 209 -11.75 -31.61 -0.86
CA ASP A 209 -10.84 -32.47 -1.62
C ASP A 209 -10.79 -32.07 -3.10
N ASP A 210 -11.63 -31.10 -3.47
CA ASP A 210 -11.64 -30.56 -4.83
C ASP A 210 -11.61 -29.04 -4.76
N ALA A 211 -10.57 -28.45 -5.33
CA ALA A 211 -10.37 -27.01 -5.27
C ALA A 211 -11.49 -26.25 -5.98
N LEU A 212 -11.99 -26.82 -7.08
CA LEU A 212 -13.01 -26.15 -7.89
C LEU A 212 -14.28 -25.89 -7.08
N GLU A 213 -14.49 -26.67 -6.03
CA GLU A 213 -15.65 -26.48 -5.16
C GLU A 213 -15.59 -25.14 -4.44
N PHE A 214 -14.38 -24.67 -4.14
CA PHE A 214 -14.20 -23.36 -3.53
C PHE A 214 -14.70 -22.28 -4.48
N LYS A 215 -14.33 -22.41 -5.74
CA LYS A 215 -14.70 -21.44 -6.76
C LYS A 215 -16.20 -21.47 -7.01
N ARG A 216 -16.79 -22.66 -6.95
CA ARG A 216 -18.22 -22.83 -7.19
C ARG A 216 -19.08 -22.23 -6.07
N ILE A 217 -18.75 -22.52 -4.83
CA ILE A 217 -19.57 -22.06 -3.71
C ILE A 217 -19.47 -20.54 -3.53
N VAL A 218 -18.26 -19.99 -3.69
CA VAL A 218 -18.05 -18.57 -3.50
C VAL A 218 -18.69 -17.79 -4.63
N THR A 219 -18.65 -18.35 -5.84
CA THR A 219 -19.29 -17.73 -7.00
C THR A 219 -20.81 -17.70 -6.81
N GLU A 220 -21.37 -18.84 -6.42
CA GLU A 220 -22.82 -18.94 -6.25
C GLU A 220 -23.29 -18.02 -5.12
N MET A 221 -22.49 -17.91 -4.07
CA MET A 221 -22.79 -17.01 -2.97
C MET A 221 -22.79 -15.57 -3.44
N ARG A 222 -21.92 -15.26 -4.40
CA ARG A 222 -21.71 -13.89 -4.83
C ARG A 222 -22.90 -13.36 -5.64
N PHE A 223 -23.75 -14.27 -6.11
CA PHE A 223 -24.98 -13.90 -6.79
C PHE A 223 -26.16 -13.81 -5.82
N ASP A 224 -25.95 -14.27 -4.59
CA ASP A 224 -26.95 -14.14 -3.53
C ASP A 224 -26.84 -12.76 -2.89
N GLU A 225 -27.99 -12.13 -2.67
CA GLU A 225 -28.04 -10.73 -2.25
C GLU A 225 -27.21 -10.42 -1.00
N ALA A 226 -27.12 -11.38 -0.09
CA ALA A 226 -26.36 -11.18 1.15
C ALA A 226 -24.93 -10.76 0.84
N SER A 227 -24.35 -11.40 -0.17
CA SER A 227 -22.98 -11.12 -0.56
C SER A 227 -22.91 -10.17 -1.75
N ALA A 228 -23.82 -10.35 -2.69
CA ALA A 228 -23.85 -9.56 -3.92
C ALA A 228 -23.92 -8.06 -3.62
N ARG A 229 -24.58 -7.70 -2.52
CA ARG A 229 -24.85 -6.30 -2.20
C ARG A 229 -24.06 -5.79 -0.99
N TYR A 230 -23.69 -6.69 -0.09
CA TYR A 230 -23.14 -6.29 1.21
C TYR A 230 -21.78 -6.88 1.56
N ALA A 231 -21.28 -7.82 0.77
CA ALA A 231 -19.99 -8.45 1.09
C ALA A 231 -18.80 -7.63 0.61
N GLU A 232 -17.80 -7.50 1.49
CA GLU A 232 -16.53 -6.85 1.16
C GLU A 232 -15.39 -7.82 1.46
N PHE A 233 -14.67 -8.22 0.42
CA PHE A 233 -13.67 -9.27 0.54
C PHE A 233 -12.24 -8.76 0.59
N GLY A 234 -11.40 -9.49 1.32
CA GLY A 234 -9.96 -9.24 1.34
C GLY A 234 -9.26 -10.16 0.37
N SER A 235 -8.03 -10.55 0.70
CA SER A 235 -7.24 -11.42 -0.17
C SER A 235 -7.65 -12.89 0.00
N PHE A 236 -7.56 -13.65 -1.09
CA PHE A 236 -7.84 -15.08 -1.07
C PHE A 236 -6.54 -15.88 -1.06
N PHE A 237 -6.56 -16.99 -0.32
CA PHE A 237 -5.41 -17.89 -0.22
C PHE A 237 -5.85 -19.32 -0.51
N ILE A 238 -5.18 -19.97 -1.46
CA ILE A 238 -5.47 -21.37 -1.81
C ILE A 238 -4.24 -22.23 -1.49
N GLY A 239 -4.48 -23.45 -1.01
CA GLY A 239 -3.38 -24.32 -0.64
C GLY A 239 -3.67 -25.80 -0.60
N ASN A 240 -2.60 -26.59 -0.43
CA ASN A 240 -2.69 -28.04 -0.38
C ASN A 240 -2.22 -28.58 0.97
N LEU A 241 -2.91 -29.59 1.48
CA LEU A 241 -2.58 -30.19 2.77
C LEU A 241 -1.15 -30.69 2.81
N LEU A 242 -0.45 -30.36 3.89
CA LEU A 242 0.95 -30.73 4.06
C LEU A 242 1.15 -31.51 5.34
N LEU A 243 1.44 -32.79 5.20
CA LEU A 243 1.67 -33.67 6.34
C LEU A 243 3.12 -33.58 6.79
N SER A 244 3.37 -33.98 8.04
CA SER A 244 4.71 -33.93 8.59
C SER A 244 5.66 -34.84 7.83
N GLU A 245 5.12 -35.90 7.21
CA GLU A 245 5.94 -36.87 6.51
C GLU A 245 6.32 -36.41 5.10
N GLN A 246 6.08 -35.14 4.79
CA GLN A 246 6.51 -34.54 3.53
C GLN A 246 7.04 -33.13 3.73
N LEU A 247 7.35 -32.79 4.99
CA LEU A 247 7.97 -31.52 5.32
C LEU A 247 9.47 -31.61 5.06
N SER A 248 10.06 -32.77 5.37
CA SER A 248 11.47 -32.99 5.15
C SER A 248 11.79 -32.96 3.66
N LYS A 249 10.84 -33.42 2.86
CA LYS A 249 10.99 -33.42 1.41
C LYS A 249 10.90 -31.99 0.88
N LEU A 250 10.06 -31.19 1.53
CA LEU A 250 9.85 -29.80 1.13
C LEU A 250 11.09 -28.97 1.38
N PHE A 251 11.68 -29.12 2.55
CA PHE A 251 12.84 -28.31 2.94
C PHE A 251 14.15 -28.93 2.46
N THR A 252 14.06 -29.97 1.64
CA THR A 252 15.24 -30.59 1.04
C THR A 252 15.41 -30.12 -0.40
N ILE A 253 16.52 -29.45 -0.67
CA ILE A 253 16.82 -28.95 -2.01
C ILE A 253 17.49 -30.05 -2.84
N THR B 9 -20.22 -23.13 -16.39
CA THR B 9 -18.81 -22.83 -16.15
C THR B 9 -17.99 -24.11 -16.12
N LEU B 10 -17.19 -24.32 -17.16
CA LEU B 10 -16.26 -25.44 -17.23
C LEU B 10 -14.87 -24.96 -16.84
N ASP B 11 -14.10 -25.82 -16.18
CA ASP B 11 -12.77 -25.45 -15.69
C ASP B 11 -11.70 -26.41 -16.17
N GLY B 12 -10.56 -25.87 -16.59
CA GLY B 12 -9.47 -26.66 -17.13
C GLY B 12 -8.22 -26.61 -16.26
N TRP B 13 -7.08 -26.39 -16.91
CA TRP B 13 -5.79 -26.35 -16.23
C TRP B 13 -5.72 -25.24 -15.17
N PHE B 14 -5.00 -25.53 -14.10
CA PHE B 14 -4.71 -24.52 -13.09
C PHE B 14 -3.52 -23.68 -13.54
N CYS B 15 -3.58 -22.38 -13.29
CA CYS B 15 -2.62 -21.43 -13.86
C CYS B 15 -1.82 -20.66 -12.81
N LEU B 16 -0.56 -20.41 -13.13
CA LEU B 16 0.30 -19.58 -12.31
C LEU B 16 1.02 -18.53 -13.16
N HIS B 17 0.75 -17.26 -12.88
CA HIS B 17 1.51 -16.16 -13.44
C HIS B 17 2.55 -15.72 -12.41
N ASP B 18 3.82 -16.05 -12.66
CA ASP B 18 4.88 -15.78 -11.68
C ASP B 18 5.81 -14.66 -12.16
N PHE B 19 5.58 -13.45 -11.66
CA PHE B 19 6.39 -12.29 -12.07
C PHE B 19 7.62 -12.13 -11.18
N ARG B 20 8.77 -11.98 -11.82
CA ARG B 20 10.04 -11.87 -11.10
C ARG B 20 10.85 -10.67 -11.58
N SER B 21 11.59 -10.08 -10.63
CA SER B 21 12.54 -9.01 -10.93
C SER B 21 13.95 -9.52 -10.71
N ILE B 22 14.87 -9.13 -11.59
CA ILE B 22 16.25 -9.58 -11.51
C ILE B 22 17.07 -8.69 -10.59
N ASP B 23 17.66 -9.31 -9.57
CA ASP B 23 18.57 -8.59 -8.67
C ASP B 23 19.93 -8.47 -9.33
N TRP B 24 20.08 -7.46 -10.18
CA TRP B 24 21.30 -7.27 -10.95
C TRP B 24 22.51 -7.02 -10.06
N ALA B 25 22.29 -6.32 -8.95
CA ALA B 25 23.38 -5.98 -8.04
C ALA B 25 24.01 -7.24 -7.45
N ALA B 26 23.17 -8.14 -6.94
CA ALA B 26 23.65 -9.38 -6.35
C ALA B 26 24.16 -10.35 -7.42
N TRP B 27 23.52 -10.31 -8.58
CA TRP B 27 23.90 -11.17 -9.70
C TRP B 27 25.28 -10.78 -10.23
N ARG B 28 25.59 -9.49 -10.17
CA ARG B 28 26.87 -8.98 -10.66
C ARG B 28 28.03 -9.43 -9.77
N GLU B 29 27.76 -9.53 -8.47
CA GLU B 29 28.79 -9.91 -7.50
C GLU B 29 29.19 -11.38 -7.67
N LEU B 30 28.33 -12.16 -8.33
CA LEU B 30 28.67 -13.53 -8.66
C LEU B 30 29.62 -13.60 -9.84
N ASN B 31 30.73 -14.31 -9.67
CA ASN B 31 31.66 -14.54 -10.77
C ASN B 31 30.96 -15.37 -11.85
N PRO B 32 31.43 -15.26 -13.11
CA PRO B 32 30.77 -15.93 -14.24
C PRO B 32 30.64 -17.44 -14.08
N GLY B 33 31.48 -18.03 -13.24
CA GLY B 33 31.44 -19.47 -13.01
C GLY B 33 30.12 -19.92 -12.42
N ASN B 34 29.75 -19.33 -11.28
CA ASN B 34 28.49 -19.65 -10.63
C ASN B 34 27.30 -19.32 -11.52
N GLN B 35 27.37 -18.17 -12.19
CA GLN B 35 26.28 -17.72 -13.06
C GLN B 35 25.95 -18.76 -14.13
N GLU B 36 26.98 -19.33 -14.74
CA GLU B 36 26.78 -20.32 -15.80
C GLU B 36 26.18 -21.61 -15.23
N LEU B 37 26.63 -22.00 -14.04
CA LEU B 37 26.11 -23.20 -13.40
C LEU B 37 24.64 -23.05 -13.06
N MET B 38 24.26 -21.86 -12.59
CA MET B 38 22.88 -21.59 -12.23
C MET B 38 21.99 -21.57 -13.48
N LEU B 39 22.53 -21.02 -14.56
CA LEU B 39 21.80 -20.97 -15.83
C LEU B 39 21.62 -22.36 -16.42
N ASN B 40 22.60 -23.24 -16.18
CA ASN B 40 22.50 -24.63 -16.62
C ASN B 40 21.40 -25.36 -15.85
N GLU B 41 21.32 -25.11 -14.55
CA GLU B 41 20.30 -25.72 -13.72
C GLU B 41 18.92 -25.26 -14.17
N LEU B 42 18.82 -23.99 -14.56
CA LEU B 42 17.57 -23.44 -15.06
C LEU B 42 17.23 -24.06 -16.42
N SER B 43 18.26 -24.37 -17.21
CA SER B 43 18.05 -24.98 -18.51
C SER B 43 17.53 -26.41 -18.38
N HIS B 44 18.03 -27.13 -17.39
CA HIS B 44 17.55 -28.49 -17.11
C HIS B 44 16.13 -28.43 -16.57
N PHE B 45 15.85 -27.39 -15.79
CA PHE B 45 14.51 -27.17 -15.25
C PHE B 45 13.52 -26.96 -16.39
N LEU B 46 13.85 -26.04 -17.29
CA LEU B 46 12.99 -25.72 -18.42
C LEU B 46 12.90 -26.89 -19.40
N SER B 47 13.94 -27.71 -19.44
CA SER B 47 13.95 -28.89 -20.30
C SER B 47 12.87 -29.89 -19.85
N ASP B 48 12.74 -30.06 -18.54
CA ASP B 48 11.74 -30.96 -17.98
C ASP B 48 10.34 -30.38 -18.16
N MET B 49 10.25 -29.06 -18.20
CA MET B 49 8.97 -28.38 -18.40
C MET B 49 8.45 -28.67 -19.81
N GLU B 50 9.36 -28.80 -20.76
CA GLU B 50 8.99 -29.07 -22.15
C GLU B 50 8.49 -30.51 -22.32
N ILE B 51 9.04 -31.42 -21.52
CA ILE B 51 8.60 -32.81 -21.54
C ILE B 51 7.14 -32.90 -21.13
N THR B 52 6.81 -32.21 -20.04
CA THR B 52 5.44 -32.16 -19.54
C THR B 52 4.49 -31.58 -20.58
N LYS B 53 5.01 -30.66 -21.39
CA LYS B 53 4.23 -30.00 -22.43
C LYS B 53 3.93 -30.96 -23.57
N ASN B 54 4.95 -31.71 -24.00
CA ASN B 54 4.82 -32.58 -25.16
C ASN B 54 3.94 -33.80 -24.90
N ILE B 55 3.85 -34.22 -23.65
CA ILE B 55 3.02 -35.37 -23.28
C ILE B 55 1.57 -34.94 -23.10
N GLY B 56 1.36 -33.65 -22.84
CA GLY B 56 0.03 -33.08 -22.75
C GLY B 56 -0.51 -32.93 -21.34
N GLU B 57 0.40 -32.80 -20.37
CA GLU B 57 0.02 -32.66 -18.97
C GLU B 57 -0.02 -31.19 -18.53
N GLY B 58 0.55 -30.30 -19.35
CA GLY B 58 0.58 -28.89 -19.01
C GLY B 58 1.19 -28.01 -20.08
N GLU B 59 1.41 -26.74 -19.73
CA GLU B 59 2.00 -25.77 -20.66
C GLU B 59 2.84 -24.76 -19.89
N HIS B 60 3.73 -24.06 -20.59
CA HIS B 60 4.52 -23.02 -19.97
C HIS B 60 5.12 -22.08 -21.01
N THR B 61 5.37 -20.83 -20.60
CA THR B 61 6.02 -19.85 -21.47
C THR B 61 6.67 -18.75 -20.64
N ILE B 62 7.56 -17.99 -21.28
CA ILE B 62 8.30 -16.92 -20.61
C ILE B 62 8.30 -15.65 -21.46
N TYR B 63 8.08 -14.52 -20.80
CA TYR B 63 8.07 -13.22 -21.48
C TYR B 63 8.85 -12.17 -20.68
N SER B 64 9.63 -11.36 -21.39
CA SER B 64 10.36 -10.26 -20.79
C SER B 64 9.44 -9.06 -20.57
N ILE B 65 9.16 -8.75 -19.31
CA ILE B 65 8.26 -7.66 -18.95
C ILE B 65 8.95 -6.30 -19.02
N LEU B 66 8.20 -5.29 -19.45
CA LEU B 66 8.71 -3.92 -19.51
C LEU B 66 8.38 -3.14 -18.23
N GLY B 67 9.28 -2.23 -17.86
CA GLY B 67 9.09 -1.39 -16.69
C GLY B 67 9.68 -2.01 -15.44
N GLN B 68 9.43 -1.38 -14.30
CA GLN B 68 10.04 -1.79 -13.04
C GLN B 68 9.17 -2.80 -12.27
N LYS B 69 7.95 -3.02 -12.74
CA LYS B 69 7.07 -4.01 -12.12
C LYS B 69 7.71 -5.38 -12.09
N ALA B 70 8.40 -5.73 -13.18
CA ALA B 70 9.06 -7.02 -13.29
C ALA B 70 9.99 -7.06 -14.50
N ASP B 71 10.87 -8.06 -14.53
CA ASP B 71 11.75 -8.30 -15.65
C ASP B 71 11.29 -9.53 -16.43
N LEU B 72 10.68 -10.47 -15.72
CA LEU B 72 10.24 -11.72 -16.32
C LEU B 72 8.90 -12.17 -15.76
N VAL B 73 8.19 -12.99 -16.53
CA VAL B 73 6.99 -13.66 -16.06
C VAL B 73 7.02 -15.11 -16.50
N PHE B 74 6.82 -16.01 -15.55
CA PHE B 74 6.77 -17.43 -15.83
C PHE B 74 5.33 -17.90 -15.73
N PHE B 75 4.72 -18.13 -16.88
CA PHE B 75 3.31 -18.51 -16.97
C PHE B 75 3.21 -20.02 -17.10
N THR B 76 2.73 -20.68 -16.04
CA THR B 76 2.71 -22.14 -15.97
C THR B 76 1.29 -22.69 -15.82
N LEU B 77 0.99 -23.74 -16.58
CA LEU B 77 -0.32 -24.39 -16.54
C LEU B 77 -0.16 -25.89 -16.25
N ARG B 78 -0.93 -26.39 -15.29
CA ARG B 78 -0.86 -27.79 -14.89
C ARG B 78 -2.23 -28.37 -14.57
N ASP B 79 -2.32 -29.69 -14.55
CA ASP B 79 -3.59 -30.39 -14.37
C ASP B 79 -4.15 -30.27 -12.95
N SER B 80 -3.26 -30.17 -11.96
CA SER B 80 -3.68 -30.11 -10.56
C SER B 80 -2.93 -29.03 -9.78
N LEU B 81 -3.43 -28.71 -8.59
CA LEU B 81 -2.78 -27.74 -7.72
C LEU B 81 -1.51 -28.33 -7.11
N GLU B 82 -1.48 -29.66 -6.99
CA GLU B 82 -0.31 -30.34 -6.47
C GLU B 82 0.86 -30.18 -7.44
N ALA B 83 0.59 -30.39 -8.73
CA ALA B 83 1.61 -30.30 -9.75
C ALA B 83 2.06 -28.85 -9.96
N LEU B 84 1.12 -27.92 -9.89
CA LEU B 84 1.44 -26.51 -10.07
C LEU B 84 2.32 -26.01 -8.94
N ASN B 85 1.95 -26.37 -7.71
CA ASN B 85 2.72 -25.97 -6.54
C ASN B 85 4.10 -26.62 -6.53
N GLU B 86 4.19 -27.82 -7.08
CA GLU B 86 5.46 -28.53 -7.14
C GLU B 86 6.43 -27.80 -8.06
N VAL B 87 5.94 -27.36 -9.22
CA VAL B 87 6.76 -26.56 -10.12
C VAL B 87 7.21 -25.28 -9.43
N GLU B 88 6.28 -24.64 -8.74
CA GLU B 88 6.56 -23.40 -8.02
C GLU B 88 7.65 -23.59 -6.98
N ASN B 89 7.56 -24.66 -6.21
CA ASN B 89 8.59 -24.97 -5.21
C ASN B 89 9.88 -25.42 -5.88
N ARG B 90 9.75 -26.17 -6.96
CA ARG B 90 10.91 -26.63 -7.72
C ARG B 90 11.65 -25.43 -8.32
N PHE B 91 10.89 -24.43 -8.74
CA PHE B 91 11.47 -23.21 -9.31
C PHE B 91 12.26 -22.44 -8.27
N ASN B 92 11.65 -22.21 -7.11
CA ASN B 92 12.28 -21.44 -6.04
C ASN B 92 13.53 -22.12 -5.49
N LYS B 93 13.55 -23.44 -5.52
CA LYS B 93 14.69 -24.21 -5.02
C LYS B 93 15.90 -24.08 -5.95
N LEU B 94 15.68 -23.57 -7.16
CA LEU B 94 16.77 -23.32 -8.08
C LEU B 94 17.73 -22.30 -7.47
N ALA B 95 19.01 -22.45 -7.75
CA ALA B 95 20.03 -21.55 -7.22
C ALA B 95 19.84 -20.13 -7.76
N ILE B 96 19.36 -20.05 -9.00
CA ILE B 96 19.19 -18.76 -9.67
C ILE B 96 17.97 -18.00 -9.14
N ALA B 97 17.05 -18.73 -8.53
CA ALA B 97 15.81 -18.12 -8.04
C ALA B 97 16.06 -17.13 -6.91
N ASP B 98 17.23 -17.22 -6.29
CA ASP B 98 17.61 -16.29 -5.24
C ASP B 98 17.80 -14.88 -5.81
N TYR B 99 18.07 -14.83 -7.11
CA TYR B 99 18.31 -13.57 -7.81
C TYR B 99 17.08 -13.16 -8.61
N LEU B 100 16.02 -13.95 -8.51
CA LEU B 100 14.73 -13.65 -9.12
C LEU B 100 13.72 -13.31 -8.03
N LEU B 101 13.64 -12.01 -7.70
CA LEU B 101 12.81 -11.56 -6.59
C LEU B 101 11.33 -11.54 -6.96
N PRO B 102 10.48 -12.07 -6.07
CA PRO B 102 9.03 -12.05 -6.34
C PRO B 102 8.45 -10.64 -6.28
N THR B 103 7.72 -10.23 -7.31
CA THR B 103 7.12 -8.91 -7.38
C THR B 103 5.60 -9.00 -7.46
N TYR B 104 5.11 -10.06 -8.09
CA TYR B 104 3.68 -10.26 -8.24
C TYR B 104 3.38 -11.68 -8.69
N SER B 105 2.23 -12.20 -8.29
CA SER B 105 1.80 -13.52 -8.73
C SER B 105 0.30 -13.58 -8.90
N TYR B 106 -0.17 -14.57 -9.64
CA TYR B 106 -1.61 -14.78 -9.77
C TYR B 106 -1.95 -16.25 -9.96
N ILE B 107 -2.96 -16.70 -9.20
CA ILE B 107 -3.46 -18.07 -9.29
C ILE B 107 -4.86 -18.08 -9.86
N SER B 108 -5.07 -18.92 -10.87
CA SER B 108 -6.38 -19.07 -11.49
C SER B 108 -6.53 -20.45 -12.13
N VAL B 109 -7.67 -20.67 -12.77
CA VAL B 109 -7.93 -21.89 -13.52
C VAL B 109 -8.64 -21.52 -14.82
N VAL B 110 -8.23 -22.16 -15.91
CA VAL B 110 -8.80 -21.87 -17.23
C VAL B 110 -10.31 -22.05 -17.19
N GLU B 111 -11.04 -20.96 -17.40
CA GLU B 111 -12.50 -20.96 -17.28
C GLU B 111 -13.20 -20.87 -18.62
N LEU B 112 -14.36 -21.51 -18.72
CA LEU B 112 -15.16 -21.49 -19.94
C LEU B 112 -16.64 -21.34 -19.57
N SER B 113 -17.13 -20.11 -19.62
CA SER B 113 -18.52 -19.82 -19.27
C SER B 113 -19.46 -20.33 -20.36
N ASP B 125 -20.82 -34.98 -22.24
CA ASP B 125 -19.46 -34.96 -21.74
C ASP B 125 -18.58 -34.02 -22.58
N PRO B 126 -18.67 -32.71 -22.31
CA PRO B 126 -17.90 -31.73 -23.07
C PRO B 126 -16.40 -31.76 -22.75
N TYR B 127 -16.03 -32.39 -21.64
CA TYR B 127 -14.64 -32.41 -21.21
C TYR B 127 -13.75 -33.28 -22.10
N GLN B 128 -14.36 -34.23 -22.80
CA GLN B 128 -13.61 -35.15 -23.66
C GLN B 128 -13.72 -34.77 -25.14
N ASN B 129 -14.26 -33.59 -25.41
CA ASN B 129 -14.33 -33.08 -26.77
C ASN B 129 -13.08 -32.27 -27.12
N LYS B 130 -12.42 -32.65 -28.21
CA LYS B 130 -11.18 -32.00 -28.63
C LYS B 130 -11.34 -30.49 -28.76
N GLY B 131 -12.51 -30.06 -29.23
CA GLY B 131 -12.79 -28.64 -29.40
C GLY B 131 -12.76 -27.90 -28.08
N VAL B 132 -13.45 -28.45 -27.08
CA VAL B 132 -13.53 -27.83 -25.77
C VAL B 132 -12.20 -27.95 -25.04
N ARG B 133 -11.53 -29.10 -25.20
CA ARG B 133 -10.26 -29.34 -24.55
C ARG B 133 -9.20 -28.35 -25.04
N ALA B 134 -9.36 -27.87 -26.27
CA ALA B 134 -8.45 -26.88 -26.83
C ALA B 134 -8.58 -25.55 -26.08
N ARG B 135 -9.76 -25.32 -25.50
CA ARG B 135 -10.02 -24.13 -24.72
C ARG B 135 -9.61 -24.32 -23.26
N LEU B 136 -10.03 -25.44 -22.67
CA LEU B 136 -9.76 -25.72 -21.27
C LEU B 136 -8.28 -26.04 -21.03
N TYR B 137 -7.66 -26.65 -22.03
CA TYR B 137 -6.25 -27.04 -21.95
C TYR B 137 -5.49 -26.44 -23.13
N PRO B 138 -5.31 -25.11 -23.10
CA PRO B 138 -4.84 -24.35 -24.26
C PRO B 138 -3.33 -24.42 -24.49
N ALA B 139 -2.94 -24.67 -25.74
CA ALA B 139 -1.55 -24.55 -26.14
C ALA B 139 -1.19 -23.08 -26.22
N LEU B 140 -0.08 -22.71 -25.60
CA LEU B 140 0.34 -21.31 -25.56
C LEU B 140 1.00 -20.91 -26.89
N PRO B 141 0.41 -19.93 -27.59
CA PRO B 141 0.99 -19.54 -28.89
C PRO B 141 2.26 -18.72 -28.71
N PRO B 142 3.24 -18.90 -29.61
CA PRO B 142 4.49 -18.14 -29.48
C PRO B 142 4.39 -16.74 -30.10
N LYS B 143 3.34 -16.01 -29.74
CA LYS B 143 3.17 -14.64 -30.20
C LYS B 143 4.27 -13.75 -29.62
N LYS B 144 4.60 -12.69 -30.33
CA LYS B 144 5.73 -11.83 -29.98
C LYS B 144 5.53 -11.12 -28.64
N HIS B 145 4.28 -10.87 -28.28
CA HIS B 145 3.96 -10.11 -27.07
C HIS B 145 2.93 -10.80 -26.19
N ILE B 146 2.88 -10.40 -24.92
CA ILE B 146 1.88 -10.87 -23.98
C ILE B 146 1.32 -9.69 -23.20
N CYS B 147 0.08 -9.81 -22.75
CA CYS B 147 -0.53 -8.82 -21.88
C CYS B 147 -1.35 -9.52 -20.81
N PHE B 148 -1.10 -9.17 -19.55
CA PHE B 148 -1.86 -9.73 -18.44
C PHE B 148 -2.43 -8.65 -17.54
N TYR B 149 -3.67 -8.88 -17.08
CA TYR B 149 -4.29 -8.03 -16.08
C TYR B 149 -5.41 -8.79 -15.36
N PRO B 150 -5.51 -8.61 -14.03
CA PRO B 150 -6.65 -9.19 -13.32
C PRO B 150 -7.85 -8.24 -13.34
N MET B 151 -9.05 -8.77 -13.13
CA MET B 151 -10.24 -7.92 -13.09
C MET B 151 -11.39 -8.54 -12.29
N SER B 152 -12.38 -7.73 -11.98
CA SER B 152 -13.58 -8.18 -11.27
C SER B 152 -14.78 -7.39 -11.78
N LYS B 153 -15.98 -7.89 -11.49
CA LYS B 153 -17.20 -7.17 -11.84
C LYS B 153 -17.68 -6.35 -10.64
N LYS B 154 -18.06 -5.11 -10.90
CA LYS B 154 -18.40 -4.16 -9.84
C LYS B 154 -19.64 -4.57 -9.05
N ARG B 155 -19.62 -4.26 -7.76
CA ARG B 155 -20.77 -4.38 -6.89
C ARG B 155 -20.88 -3.10 -6.08
N ASP B 156 -20.97 -1.98 -6.79
CA ASP B 156 -20.93 -0.66 -6.17
C ASP B 156 -22.18 0.14 -6.52
N GLY B 157 -23.09 0.25 -5.54
CA GLY B 157 -24.30 1.03 -5.71
C GLY B 157 -25.17 0.55 -6.84
N ALA B 158 -25.60 1.48 -7.69
CA ALA B 158 -26.46 1.15 -8.83
C ALA B 158 -25.71 0.33 -9.87
N ASP B 159 -24.38 0.34 -9.80
CA ASP B 159 -23.55 -0.45 -10.69
C ASP B 159 -23.14 -1.76 -10.05
N ASN B 160 -24.11 -2.68 -9.95
CA ASN B 160 -23.87 -4.00 -9.35
C ASN B 160 -24.17 -5.11 -10.33
N TRP B 161 -23.10 -5.72 -10.85
CA TRP B 161 -23.18 -6.78 -11.85
C TRP B 161 -23.88 -8.03 -11.32
N TYR B 162 -23.66 -8.35 -10.05
CA TYR B 162 -24.18 -9.59 -9.48
C TYR B 162 -25.63 -9.46 -8.99
N MET B 163 -26.16 -8.24 -8.99
CA MET B 163 -27.55 -8.00 -8.63
C MET B 163 -28.43 -7.82 -9.88
N LEU B 164 -27.81 -7.86 -11.05
CA LEU B 164 -28.55 -7.74 -12.31
C LEU B 164 -29.40 -8.98 -12.58
N PRO B 165 -30.57 -8.79 -13.23
CA PRO B 165 -31.30 -9.97 -13.73
C PRO B 165 -30.47 -10.73 -14.75
N MET B 166 -30.69 -12.04 -14.85
CA MET B 166 -29.90 -12.89 -15.75
C MET B 166 -30.02 -12.42 -17.19
N GLU B 167 -31.21 -11.99 -17.59
CA GLU B 167 -31.44 -11.60 -18.98
C GLU B 167 -30.61 -10.38 -19.36
N GLU B 168 -30.52 -9.41 -18.47
CA GLU B 168 -29.72 -8.22 -18.73
C GLU B 168 -28.25 -8.59 -18.77
N ARG B 169 -27.81 -9.37 -17.78
CA ARG B 169 -26.42 -9.80 -17.69
C ARG B 169 -26.01 -10.62 -18.92
N GLN B 170 -26.95 -11.37 -19.47
CA GLN B 170 -26.67 -12.22 -20.62
C GLN B 170 -26.45 -11.39 -21.88
N GLN B 171 -27.19 -10.30 -22.00
CA GLN B 171 -27.07 -9.42 -23.17
C GLN B 171 -25.74 -8.66 -23.12
N LEU B 172 -25.34 -8.26 -21.92
CA LEU B 172 -24.07 -7.58 -21.73
C LEU B 172 -22.91 -8.49 -22.14
N ILE B 173 -22.93 -9.72 -21.64
CA ILE B 173 -21.92 -10.72 -21.99
C ILE B 173 -21.94 -10.97 -23.49
N ARG B 174 -23.13 -10.92 -24.08
CA ARG B 174 -23.27 -11.19 -25.51
C ARG B 174 -22.68 -10.06 -26.33
N ASP B 175 -23.01 -8.82 -25.96
CA ASP B 175 -22.47 -7.65 -26.64
C ASP B 175 -20.96 -7.56 -26.44
N HIS B 176 -20.50 -8.02 -25.28
CA HIS B 176 -19.07 -8.02 -24.96
C HIS B 176 -18.32 -9.06 -25.79
N GLY B 177 -18.96 -10.22 -25.99
CA GLY B 177 -18.33 -11.32 -26.70
C GLY B 177 -18.03 -10.99 -28.15
N LEU B 178 -18.85 -10.11 -28.74
CA LEU B 178 -18.70 -9.74 -30.14
C LEU B 178 -17.37 -9.06 -30.42
N ILE B 179 -16.86 -8.34 -29.42
CA ILE B 179 -15.61 -7.60 -29.57
C ILE B 179 -14.43 -8.56 -29.73
N GLY B 180 -14.33 -9.52 -28.82
CA GLY B 180 -13.22 -10.46 -28.83
C GLY B 180 -13.14 -11.27 -30.12
N ARG B 181 -14.29 -11.54 -30.72
CA ARG B 181 -14.35 -12.35 -31.93
C ARG B 181 -13.87 -11.58 -33.16
N SER B 182 -14.12 -10.27 -33.15
CA SER B 182 -13.64 -9.41 -34.24
C SER B 182 -12.13 -9.26 -34.18
N TYR B 183 -11.58 -9.37 -32.97
CA TYR B 183 -10.14 -9.30 -32.77
C TYR B 183 -9.48 -10.67 -32.86
N ALA B 184 -10.26 -11.70 -33.13
CA ALA B 184 -9.74 -13.05 -33.29
C ALA B 184 -8.74 -13.10 -34.44
N GLY B 185 -7.68 -13.88 -34.27
CA GLY B 185 -6.63 -13.98 -35.27
C GLY B 185 -5.56 -12.92 -35.07
N LYS B 186 -5.93 -11.82 -34.42
CA LYS B 186 -5.01 -10.74 -34.10
C LYS B 186 -4.67 -10.79 -32.61
N VAL B 187 -5.66 -11.18 -31.81
CA VAL B 187 -5.49 -11.29 -30.36
C VAL B 187 -6.12 -12.58 -29.84
N GLN B 188 -5.28 -13.42 -29.21
CA GLN B 188 -5.75 -14.64 -28.58
C GLN B 188 -5.86 -14.45 -27.08
N GLN B 189 -6.98 -14.89 -26.51
CA GLN B 189 -7.27 -14.67 -25.10
C GLN B 189 -7.38 -15.96 -24.30
N ILE B 190 -6.85 -15.93 -23.08
CA ILE B 190 -7.04 -17.02 -22.12
C ILE B 190 -7.63 -16.42 -20.84
N ILE B 191 -8.88 -16.76 -20.56
CA ILE B 191 -9.56 -16.29 -19.37
C ILE B 191 -9.46 -17.32 -18.25
N GLY B 192 -8.91 -16.89 -17.11
CA GLY B 192 -8.77 -17.76 -15.95
C GLY B 192 -9.57 -17.25 -14.77
N GLY B 193 -10.52 -18.04 -14.31
CA GLY B 193 -11.32 -17.70 -13.15
C GLY B 193 -10.50 -17.84 -11.88
N SER B 194 -10.66 -16.89 -10.96
CA SER B 194 -9.86 -16.86 -9.75
C SER B 194 -10.68 -16.59 -8.50
N ILE B 195 -12.01 -16.57 -8.65
CA ILE B 195 -12.89 -16.47 -7.49
C ILE B 195 -12.61 -17.65 -6.58
N GLY B 196 -12.23 -17.36 -5.34
CA GLY B 196 -11.88 -18.39 -4.38
C GLY B 196 -10.40 -18.74 -4.42
N PHE B 197 -9.70 -18.26 -5.45
CA PHE B 197 -8.29 -18.61 -5.64
C PHE B 197 -7.36 -17.40 -5.52
N ASP B 198 -7.85 -16.20 -5.83
CA ASP B 198 -7.03 -14.99 -5.75
C ASP B 198 -7.86 -13.75 -5.45
N ASP B 199 -7.20 -12.59 -5.45
CA ASP B 199 -7.79 -11.35 -4.97
C ASP B 199 -8.79 -10.71 -5.94
N TYR B 200 -8.69 -11.06 -7.23
CA TYR B 200 -9.66 -10.62 -8.22
C TYR B 200 -10.45 -11.82 -8.72
N GLU B 201 -11.43 -11.57 -9.58
CA GLU B 201 -12.36 -12.60 -10.01
C GLU B 201 -11.90 -13.32 -11.29
N TRP B 202 -11.09 -12.63 -12.09
CA TRP B 202 -10.53 -13.22 -13.30
C TRP B 202 -9.11 -12.73 -13.57
N GLY B 203 -8.34 -13.57 -14.23
CA GLY B 203 -7.03 -13.19 -14.74
C GLY B 203 -7.03 -13.31 -16.25
N VAL B 204 -6.86 -12.18 -16.93
CA VAL B 204 -6.94 -12.12 -18.38
C VAL B 204 -5.55 -12.09 -18.99
N THR B 205 -5.30 -13.01 -19.93
CA THR B 205 -4.04 -13.08 -20.65
C THR B 205 -4.29 -12.90 -22.14
N LEU B 206 -3.59 -11.94 -22.75
CA LEU B 206 -3.72 -11.68 -24.18
C LEU B 206 -2.41 -11.99 -24.90
N PHE B 207 -2.52 -12.52 -26.11
CA PHE B 207 -1.36 -12.82 -26.95
C PHE B 207 -1.51 -12.17 -28.31
N SER B 208 -0.44 -11.56 -28.80
CA SER B 208 -0.47 -10.88 -30.10
C SER B 208 0.93 -10.57 -30.61
N ASP B 209 1.07 -10.46 -31.93
CA ASP B 209 2.33 -10.07 -32.55
C ASP B 209 2.44 -8.55 -32.67
N ASP B 210 1.42 -7.85 -32.17
CA ASP B 210 1.39 -6.39 -32.20
C ASP B 210 0.76 -5.87 -30.91
N ALA B 211 1.59 -5.27 -30.06
CA ALA B 211 1.15 -4.79 -28.76
C ALA B 211 0.04 -3.74 -28.87
N LEU B 212 -0.02 -3.06 -29.99
CA LEU B 212 -1.04 -2.03 -30.21
C LEU B 212 -2.43 -2.65 -30.23
N GLU B 213 -2.49 -3.94 -30.57
CA GLU B 213 -3.77 -4.65 -30.58
C GLU B 213 -4.32 -4.80 -29.17
N PHE B 214 -3.42 -4.95 -28.19
CA PHE B 214 -3.83 -4.97 -26.79
C PHE B 214 -4.55 -3.67 -26.43
N LYS B 215 -3.92 -2.56 -26.78
CA LYS B 215 -4.46 -1.24 -26.49
C LYS B 215 -5.81 -1.02 -27.20
N ARG B 216 -5.95 -1.58 -28.39
CA ARG B 216 -7.16 -1.40 -29.18
C ARG B 216 -8.33 -2.21 -28.62
N ILE B 217 -8.09 -3.46 -28.23
CA ILE B 217 -9.18 -4.32 -27.77
C ILE B 217 -9.65 -3.92 -26.38
N VAL B 218 -8.71 -3.57 -25.50
CA VAL B 218 -9.06 -3.18 -24.14
C VAL B 218 -9.77 -1.84 -24.15
N THR B 219 -9.33 -0.95 -25.04
CA THR B 219 -9.95 0.36 -25.18
C THR B 219 -11.37 0.21 -25.70
N GLU B 220 -11.53 -0.59 -26.75
CA GLU B 220 -12.84 -0.81 -27.36
C GLU B 220 -13.79 -1.50 -26.39
N MET B 221 -13.26 -2.46 -25.63
CA MET B 221 -14.05 -3.16 -24.63
C MET B 221 -14.56 -2.20 -23.56
N ARG B 222 -13.72 -1.24 -23.19
CA ARG B 222 -14.04 -0.34 -22.08
C ARG B 222 -15.17 0.62 -22.41
N PHE B 223 -15.50 0.76 -23.69
CA PHE B 223 -16.62 1.60 -24.12
C PHE B 223 -17.91 0.79 -24.27
N ASP B 224 -17.79 -0.53 -24.17
CA ASP B 224 -18.95 -1.41 -24.14
C ASP B 224 -19.48 -1.46 -22.71
N GLU B 225 -20.80 -1.40 -22.56
CA GLU B 225 -21.42 -1.21 -21.25
C GLU B 225 -21.01 -2.25 -20.21
N ALA B 226 -20.60 -3.42 -20.68
CA ALA B 226 -20.18 -4.49 -19.76
C ALA B 226 -18.97 -4.04 -18.95
N SER B 227 -17.95 -3.52 -19.63
CA SER B 227 -16.74 -3.07 -18.96
C SER B 227 -16.87 -1.61 -18.50
N ALA B 228 -17.54 -0.80 -19.31
CA ALA B 228 -17.69 0.61 -19.02
C ALA B 228 -18.32 0.85 -17.65
N ARG B 229 -19.30 0.04 -17.31
CA ARG B 229 -20.11 0.26 -16.13
C ARG B 229 -19.77 -0.67 -14.97
N TYR B 230 -19.22 -1.86 -15.27
CA TYR B 230 -19.06 -2.89 -14.25
C TYR B 230 -17.65 -3.45 -14.09
N ALA B 231 -16.69 -3.04 -14.93
CA ALA B 231 -15.34 -3.59 -14.84
C ALA B 231 -14.47 -2.85 -13.83
N GLU B 232 -13.78 -3.61 -12.99
CA GLU B 232 -12.75 -3.09 -12.11
C GLU B 232 -11.45 -3.79 -12.44
N PHE B 233 -10.39 -3.02 -12.71
CA PHE B 233 -9.12 -3.58 -13.18
C PHE B 233 -8.02 -3.49 -12.13
N GLY B 234 -7.07 -4.44 -12.22
CA GLY B 234 -5.87 -4.39 -11.42
C GLY B 234 -4.74 -3.81 -12.24
N SER B 235 -3.50 -4.15 -11.88
CA SER B 235 -2.33 -3.66 -12.61
C SER B 235 -2.24 -4.34 -13.98
N PHE B 236 -1.61 -3.65 -14.93
CA PHE B 236 -1.40 -4.18 -16.26
C PHE B 236 0.07 -4.49 -16.50
N PHE B 237 0.33 -5.61 -17.18
CA PHE B 237 1.69 -6.08 -17.45
C PHE B 237 1.86 -6.39 -18.94
N ILE B 238 2.85 -5.77 -19.55
CA ILE B 238 3.18 -6.00 -20.95
C ILE B 238 4.58 -6.62 -21.05
N GLY B 239 4.78 -7.52 -22.00
CA GLY B 239 6.07 -8.18 -22.15
C GLY B 239 6.34 -8.71 -23.54
N ASN B 240 7.58 -9.12 -23.77
CA ASN B 240 8.02 -9.66 -25.05
C ASN B 240 8.45 -11.11 -24.93
N LEU B 241 8.12 -11.91 -25.95
CA LEU B 241 8.44 -13.33 -25.94
C LEU B 241 9.93 -13.58 -25.71
N LEU B 242 10.22 -14.58 -24.88
CA LEU B 242 11.59 -14.91 -24.51
C LEU B 242 11.79 -16.42 -24.52
N LEU B 243 12.63 -16.90 -25.42
CA LEU B 243 12.92 -18.32 -25.53
C LEU B 243 14.02 -18.73 -24.56
N SER B 244 14.12 -20.04 -24.30
CA SER B 244 15.10 -20.56 -23.35
C SER B 244 16.53 -20.26 -23.77
N GLU B 245 16.78 -20.26 -25.07
CA GLU B 245 18.12 -20.02 -25.60
C GLU B 245 18.55 -18.56 -25.44
N GLN B 246 17.61 -17.69 -25.10
CA GLN B 246 17.88 -16.26 -24.99
C GLN B 246 18.20 -15.84 -23.56
N LEU B 247 18.14 -16.77 -22.61
CA LEU B 247 18.34 -16.45 -21.21
C LEU B 247 19.80 -16.16 -20.88
N SER B 248 20.71 -16.96 -21.42
CA SER B 248 22.12 -16.83 -21.13
C SER B 248 22.66 -15.46 -21.56
N LYS B 249 22.13 -14.95 -22.66
CA LYS B 249 22.56 -13.66 -23.19
C LYS B 249 21.84 -12.51 -22.48
N LEU B 250 20.73 -12.83 -21.83
CA LEU B 250 20.00 -11.85 -21.03
C LEU B 250 20.70 -11.62 -19.69
N PHE B 251 21.18 -12.70 -19.09
CA PHE B 251 21.82 -12.64 -17.78
C PHE B 251 23.31 -12.36 -17.88
N THR B 252 23.84 -12.28 -19.10
CA THR B 252 25.25 -11.99 -19.31
C THR B 252 25.49 -10.48 -19.36
N ILE B 253 26.23 -9.97 -18.38
CA ILE B 253 26.56 -8.55 -18.31
C ILE B 253 27.80 -8.26 -19.16
N LYS C 8 -16.22 22.19 21.56
CA LYS C 8 -15.11 22.26 22.51
C LYS C 8 -14.98 20.96 23.29
N THR C 9 -13.74 20.64 23.66
CA THR C 9 -13.47 19.45 24.47
C THR C 9 -12.34 19.73 25.45
N LEU C 10 -12.18 18.85 26.43
CA LEU C 10 -11.10 18.94 27.40
C LEU C 10 -10.03 17.91 27.08
N ASP C 11 -8.77 18.32 27.16
CA ASP C 11 -7.65 17.45 26.81
C ASP C 11 -6.79 17.10 28.03
N GLY C 12 -6.20 15.91 27.99
CA GLY C 12 -5.33 15.44 29.06
C GLY C 12 -3.96 15.03 28.54
N TRP C 13 -3.46 13.90 29.01
CA TRP C 13 -2.14 13.41 28.62
C TRP C 13 -2.06 13.11 27.13
N PHE C 14 -0.88 13.37 26.55
CA PHE C 14 -0.59 12.98 25.19
C PHE C 14 -0.18 11.51 25.17
N CYS C 15 -0.60 10.78 24.14
CA CYS C 15 -0.45 9.33 24.11
C CYS C 15 0.39 8.85 22.94
N LEU C 16 1.20 7.82 23.20
CA LEU C 16 1.98 7.15 22.17
C LEU C 16 1.74 5.65 22.22
N HIS C 17 1.11 5.11 21.17
CA HIS C 17 1.04 3.67 20.97
C HIS C 17 2.22 3.25 20.09
N ASP C 18 3.17 2.53 20.68
CA ASP C 18 4.38 2.12 19.97
C ASP C 18 4.40 0.61 19.77
N PHE C 19 4.08 0.17 18.55
CA PHE C 19 4.06 -1.26 18.22
C PHE C 19 5.40 -1.70 17.68
N ARG C 20 5.91 -2.82 18.21
CA ARG C 20 7.21 -3.36 17.81
C ARG C 20 7.13 -4.85 17.49
N SER C 21 7.94 -5.26 16.53
CA SER C 21 8.13 -6.67 16.21
C SER C 21 9.54 -7.08 16.63
N ILE C 22 9.66 -8.29 17.18
CA ILE C 22 10.93 -8.78 17.68
C ILE C 22 11.73 -9.48 16.57
N ASP C 23 12.93 -8.97 16.31
CA ASP C 23 13.82 -9.57 15.33
C ASP C 23 14.49 -10.80 15.94
N TRP C 24 13.79 -11.93 15.91
CA TRP C 24 14.27 -13.15 16.55
C TRP C 24 15.54 -13.69 15.90
N ALA C 25 15.67 -13.49 14.59
CA ALA C 25 16.83 -13.97 13.85
C ALA C 25 18.10 -13.26 14.32
N ALA C 26 18.03 -11.94 14.41
CA ALA C 26 19.16 -11.14 14.85
C ALA C 26 19.46 -11.38 16.33
N TRP C 27 18.41 -11.36 17.15
CA TRP C 27 18.53 -11.51 18.59
C TRP C 27 19.17 -12.86 18.96
N ARG C 28 18.94 -13.87 18.15
CA ARG C 28 19.45 -15.21 18.41
C ARG C 28 20.98 -15.25 18.27
N GLU C 29 21.52 -14.34 17.47
CA GLU C 29 22.96 -14.32 17.21
C GLU C 29 23.75 -13.81 18.40
N LEU C 30 23.08 -13.05 19.28
CA LEU C 30 23.72 -12.57 20.50
C LEU C 30 23.94 -13.69 21.51
N ASN C 31 25.12 -13.69 22.14
CA ASN C 31 25.41 -14.65 23.19
C ASN C 31 24.58 -14.33 24.44
N PRO C 32 24.47 -15.28 25.37
CA PRO C 32 23.67 -15.07 26.58
C PRO C 32 24.08 -13.83 27.36
N GLY C 33 25.37 -13.55 27.42
CA GLY C 33 25.90 -12.43 28.18
C GLY C 33 25.43 -11.08 27.66
N ASN C 34 25.57 -10.88 26.35
CA ASN C 34 25.18 -9.62 25.73
C ASN C 34 23.67 -9.41 25.76
N GLN C 35 22.91 -10.49 25.59
CA GLN C 35 21.46 -10.43 25.69
C GLN C 35 21.03 -9.94 27.06
N GLU C 36 21.75 -10.38 28.09
CA GLU C 36 21.40 -10.05 29.47
C GLU C 36 21.69 -8.58 29.77
N LEU C 37 22.76 -8.04 29.21
CA LEU C 37 23.13 -6.65 29.43
C LEU C 37 22.08 -5.72 28.86
N MET C 38 21.59 -6.03 27.67
CA MET C 38 20.60 -5.21 27.00
C MET C 38 19.25 -5.26 27.71
N LEU C 39 18.94 -6.41 28.30
CA LEU C 39 17.73 -6.55 29.10
C LEU C 39 17.85 -5.70 30.37
N ASN C 40 19.03 -5.70 30.96
CA ASN C 40 19.27 -4.90 32.16
C ASN C 40 19.17 -3.41 31.86
N GLU C 41 19.59 -3.01 30.66
CA GLU C 41 19.48 -1.63 30.22
C GLU C 41 18.01 -1.27 30.03
N LEU C 42 17.24 -2.22 29.50
CA LEU C 42 15.81 -2.03 29.32
C LEU C 42 15.10 -1.97 30.66
N SER C 43 15.55 -2.81 31.59
CA SER C 43 14.95 -2.87 32.92
C SER C 43 15.06 -1.52 33.62
N HIS C 44 16.20 -0.86 33.47
CA HIS C 44 16.42 0.44 34.08
C HIS C 44 15.61 1.52 33.39
N PHE C 45 15.38 1.34 32.08
CA PHE C 45 14.54 2.26 31.32
C PHE C 45 13.12 2.21 31.85
N LEU C 46 12.61 1.00 32.05
CA LEU C 46 11.26 0.81 32.57
C LEU C 46 11.15 1.29 34.01
N SER C 47 12.26 1.21 34.75
CA SER C 47 12.29 1.68 36.13
C SER C 47 12.04 3.18 36.17
N ASP C 48 12.66 3.91 35.25
CA ASP C 48 12.49 5.35 35.17
C ASP C 48 11.09 5.70 34.67
N MET C 49 10.52 4.82 33.86
CA MET C 49 9.15 4.97 33.42
C MET C 49 8.21 4.85 34.62
N GLU C 50 8.57 3.98 35.56
CA GLU C 50 7.78 3.77 36.77
C GLU C 50 7.88 4.99 37.68
N ILE C 51 9.04 5.63 37.69
CA ILE C 51 9.22 6.86 38.47
C ILE C 51 8.27 7.93 37.97
N THR C 52 8.28 8.17 36.66
CA THR C 52 7.41 9.17 36.05
C THR C 52 5.95 8.86 36.36
N LYS C 53 5.62 7.57 36.43
CA LYS C 53 4.27 7.14 36.76
C LYS C 53 3.91 7.50 38.19
N ASN C 54 4.84 7.28 39.12
CA ASN C 54 4.59 7.53 40.54
C ASN C 54 4.45 9.01 40.86
N ILE C 55 5.25 9.85 40.21
CA ILE C 55 5.22 11.29 40.45
C ILE C 55 3.97 11.93 39.85
N GLY C 56 3.26 11.16 39.02
CA GLY C 56 2.00 11.62 38.46
C GLY C 56 2.17 12.50 37.24
N GLU C 57 3.20 12.23 36.45
CA GLU C 57 3.45 12.97 35.22
C GLU C 57 3.30 12.08 34.00
N GLY C 58 2.49 11.03 34.13
CA GLY C 58 2.23 10.12 33.02
C GLY C 58 1.91 8.70 33.45
N GLU C 59 1.81 7.83 32.45
CA GLU C 59 1.49 6.42 32.67
C GLU C 59 2.14 5.59 31.57
N HIS C 60 2.21 4.28 31.78
CA HIS C 60 2.73 3.38 30.76
C HIS C 60 2.37 1.93 31.04
N THR C 61 2.28 1.14 29.98
CA THR C 61 2.00 -0.28 30.10
C THR C 61 2.51 -1.02 28.86
N ILE C 62 2.68 -2.33 28.99
CA ILE C 62 3.12 -3.18 27.89
C ILE C 62 2.19 -4.37 27.73
N TYR C 63 1.85 -4.68 26.47
CA TYR C 63 1.05 -5.86 26.16
C TYR C 63 1.68 -6.64 25.01
N SER C 64 1.56 -7.96 25.07
CA SER C 64 2.01 -8.82 23.99
C SER C 64 0.92 -8.94 22.93
N ILE C 65 1.21 -8.44 21.73
CA ILE C 65 0.22 -8.41 20.65
C ILE C 65 0.18 -9.74 19.91
N LEU C 66 -1.02 -10.14 19.51
CA LEU C 66 -1.23 -11.37 18.76
C LEU C 66 -1.16 -11.13 17.26
N GLY C 67 -0.59 -12.08 16.53
CA GLY C 67 -0.50 -12.00 15.09
C GLY C 67 0.79 -11.37 14.61
N GLN C 68 0.90 -11.15 13.30
CA GLN C 68 2.13 -10.65 12.70
C GLN C 68 2.21 -9.13 12.65
N LYS C 69 1.12 -8.46 13.03
CA LYS C 69 1.12 -7.00 13.07
C LYS C 69 2.22 -6.48 13.98
N ALA C 70 2.41 -7.17 15.11
CA ALA C 70 3.42 -6.80 16.09
C ALA C 70 3.62 -7.92 17.10
N ASP C 71 4.64 -7.77 17.95
CA ASP C 71 4.88 -8.69 19.05
C ASP C 71 4.59 -7.99 20.38
N LEU C 72 4.86 -6.69 20.41
CA LEU C 72 4.72 -5.90 21.63
C LEU C 72 4.17 -4.52 21.32
N VAL C 73 3.40 -3.96 22.26
CA VAL C 73 2.97 -2.58 22.19
C VAL C 73 3.39 -1.86 23.47
N PHE C 74 3.97 -0.67 23.29
CA PHE C 74 4.38 0.16 24.42
C PHE C 74 3.50 1.40 24.46
N PHE C 75 2.44 1.33 25.25
CA PHE C 75 1.49 2.42 25.39
C PHE C 75 1.97 3.39 26.46
N THR C 76 2.35 4.60 26.06
CA THR C 76 2.90 5.60 26.97
C THR C 76 2.09 6.89 26.96
N LEU C 77 1.89 7.46 28.16
CA LEU C 77 1.19 8.73 28.31
C LEU C 77 2.06 9.72 29.08
N ARG C 78 2.10 10.96 28.61
CA ARG C 78 2.90 12.01 29.27
C ARG C 78 2.17 13.35 29.25
N ASP C 79 2.69 14.30 30.03
CA ASP C 79 2.03 15.60 30.21
C ASP C 79 2.42 16.62 29.15
N SER C 80 3.36 16.26 28.28
CA SER C 80 3.77 17.14 27.18
C SER C 80 4.28 16.32 26.01
N LEU C 81 4.27 16.92 24.82
CA LEU C 81 4.80 16.25 23.63
C LEU C 81 6.32 16.13 23.72
N GLU C 82 6.95 17.10 24.38
CA GLU C 82 8.39 17.05 24.58
C GLU C 82 8.76 15.82 25.40
N ALA C 83 7.99 15.60 26.47
CA ALA C 83 8.22 14.46 27.36
C ALA C 83 7.98 13.15 26.62
N LEU C 84 7.01 13.17 25.71
CA LEU C 84 6.63 11.96 24.97
C LEU C 84 7.66 11.60 23.92
N ASN C 85 8.22 12.63 23.26
CA ASN C 85 9.26 12.42 22.26
C ASN C 85 10.57 12.00 22.93
N GLU C 86 10.77 12.46 24.16
CA GLU C 86 11.94 12.09 24.94
C GLU C 86 11.96 10.58 25.20
N VAL C 87 10.82 10.04 25.62
CA VAL C 87 10.68 8.62 25.89
C VAL C 87 10.91 7.83 24.61
N GLU C 88 10.43 8.39 23.50
CA GLU C 88 10.52 7.73 22.21
C GLU C 88 11.96 7.58 21.75
N ASN C 89 12.71 8.68 21.79
CA ASN C 89 14.11 8.66 21.38
C ASN C 89 14.96 7.85 22.35
N ARG C 90 14.70 8.03 23.64
CA ARG C 90 15.42 7.30 24.67
C ARG C 90 15.21 5.80 24.54
N PHE C 91 14.00 5.40 24.15
CA PHE C 91 13.69 3.99 23.92
C PHE C 91 14.50 3.45 22.73
N ASN C 92 14.53 4.22 21.65
CA ASN C 92 15.25 3.81 20.44
C ASN C 92 16.76 3.78 20.63
N LYS C 93 17.25 4.54 21.60
CA LYS C 93 18.69 4.59 21.88
C LYS C 93 19.15 3.37 22.67
N LEU C 94 18.20 2.60 23.18
CA LEU C 94 18.53 1.37 23.90
C LEU C 94 19.15 0.36 22.95
N ALA C 95 20.08 -0.44 23.47
CA ALA C 95 20.77 -1.42 22.65
C ALA C 95 19.80 -2.47 22.11
N ILE C 96 18.83 -2.85 22.94
CA ILE C 96 17.88 -3.89 22.56
C ILE C 96 16.86 -3.39 21.52
N ALA C 97 16.70 -2.07 21.43
CA ALA C 97 15.76 -1.48 20.51
C ALA C 97 16.08 -1.83 19.05
N ASP C 98 17.35 -2.09 18.77
CA ASP C 98 17.77 -2.48 17.43
C ASP C 98 17.09 -3.78 17.02
N TYR C 99 16.63 -4.54 18.00
CA TYR C 99 15.95 -5.82 17.76
C TYR C 99 14.44 -5.69 17.87
N LEU C 100 13.99 -4.46 18.17
CA LEU C 100 12.56 -4.16 18.25
C LEU C 100 12.15 -3.29 17.07
N LEU C 101 11.69 -3.93 16.00
CA LEU C 101 11.44 -3.24 14.75
C LEU C 101 10.07 -2.54 14.75
N PRO C 102 10.04 -1.26 14.33
CA PRO C 102 8.76 -0.53 14.31
C PRO C 102 7.82 -1.03 13.23
N THR C 103 6.60 -1.40 13.61
CA THR C 103 5.60 -1.93 12.68
C THR C 103 4.40 -1.00 12.55
N TYR C 104 4.12 -0.25 13.61
CA TYR C 104 3.00 0.68 13.61
C TYR C 104 3.08 1.62 14.81
N SER C 105 2.46 2.79 14.69
CA SER C 105 2.43 3.74 15.80
C SER C 105 1.20 4.64 15.72
N TYR C 106 0.84 5.26 16.84
CA TYR C 106 -0.25 6.23 16.85
C TYR C 106 -0.04 7.30 17.91
N ILE C 107 -0.36 8.54 17.53
CA ILE C 107 -0.25 9.70 18.41
C ILE C 107 -1.63 10.31 18.64
N SER C 108 -1.93 10.62 19.90
CA SER C 108 -3.20 11.22 20.25
C SER C 108 -3.13 11.86 21.64
N VAL C 109 -4.24 12.48 22.05
CA VAL C 109 -4.34 13.08 23.37
C VAL C 109 -5.69 12.71 23.98
N VAL C 110 -5.68 12.36 25.26
CA VAL C 110 -6.89 11.96 25.96
C VAL C 110 -7.93 13.08 25.87
N GLU C 111 -9.14 12.71 25.44
CA GLU C 111 -10.18 13.68 25.12
C GLU C 111 -11.46 13.40 25.90
N LEU C 112 -12.14 14.46 26.30
CA LEU C 112 -13.42 14.37 26.99
C LEU C 112 -14.34 15.53 26.57
N SER C 113 -15.61 15.22 26.33
CA SER C 113 -16.61 16.22 25.97
C SER C 113 -17.51 16.59 27.15
N ASP C 125 -13.91 24.65 38.11
CA ASP C 125 -14.17 24.20 36.74
C ASP C 125 -13.81 22.72 36.59
N PRO C 126 -14.30 22.09 35.50
CA PRO C 126 -14.03 20.68 35.19
C PRO C 126 -12.61 20.22 35.47
N TYR C 127 -11.62 21.00 35.07
CA TYR C 127 -10.23 20.57 35.19
C TYR C 127 -9.79 20.36 36.65
N GLN C 128 -10.39 21.13 37.55
CA GLN C 128 -10.13 20.94 38.98
C GLN C 128 -11.29 20.18 39.63
N ASN C 129 -11.96 19.37 38.83
CA ASN C 129 -13.00 18.46 39.31
C ASN C 129 -12.42 17.04 39.38
N LYS C 130 -12.40 16.47 40.58
CA LYS C 130 -11.60 15.27 40.83
C LYS C 130 -12.14 14.00 40.16
N GLY C 131 -13.22 14.14 39.40
CA GLY C 131 -13.76 13.02 38.63
C GLY C 131 -13.38 13.14 37.16
N VAL C 132 -13.24 14.38 36.70
CA VAL C 132 -12.88 14.65 35.32
C VAL C 132 -11.42 14.32 35.06
N ARG C 133 -10.54 14.78 35.95
CA ARG C 133 -9.10 14.55 35.81
C ARG C 133 -8.77 13.06 35.85
N ALA C 134 -9.63 12.27 36.48
CA ALA C 134 -9.45 10.83 36.55
C ALA C 134 -9.58 10.21 35.17
N ARG C 135 -10.34 10.87 34.30
CA ARG C 135 -10.56 10.39 32.93
C ARG C 135 -9.52 10.96 31.98
N LEU C 136 -9.17 12.24 32.16
CA LEU C 136 -8.19 12.89 31.30
C LEU C 136 -6.78 12.43 31.62
N TYR C 137 -6.54 12.06 32.87
CA TYR C 137 -5.25 11.52 33.31
C TYR C 137 -5.46 10.12 33.88
N PRO C 138 -5.79 9.16 33.01
CA PRO C 138 -6.23 7.83 33.47
C PRO C 138 -5.13 6.95 34.01
N ALA C 139 -5.40 6.29 35.14
CA ALA C 139 -4.54 5.23 35.64
C ALA C 139 -4.85 3.96 34.85
N LEU C 140 -3.82 3.42 34.19
CA LEU C 140 -4.01 2.23 33.36
C LEU C 140 -4.26 1.01 34.24
N PRO C 141 -5.44 0.38 34.07
CA PRO C 141 -5.73 -0.81 34.89
C PRO C 141 -4.98 -2.05 34.40
N PRO C 142 -4.55 -2.93 35.31
CA PRO C 142 -3.81 -4.14 34.91
C PRO C 142 -4.74 -5.24 34.37
N LYS C 143 -5.55 -4.90 33.39
CA LYS C 143 -6.45 -5.88 32.77
C LYS C 143 -5.65 -6.86 31.92
N LYS C 144 -6.18 -8.06 31.76
CA LYS C 144 -5.45 -9.13 31.10
C LYS C 144 -5.34 -8.93 29.60
N HIS C 145 -6.22 -8.11 29.04
CA HIS C 145 -6.24 -7.88 27.59
C HIS C 145 -6.37 -6.40 27.22
N ILE C 146 -5.85 -6.06 26.05
CA ILE C 146 -5.99 -4.73 25.50
C ILE C 146 -6.49 -4.81 24.06
N CYS C 147 -7.23 -3.79 23.64
CA CYS C 147 -7.64 -3.66 22.25
C CYS C 147 -7.46 -2.22 21.79
N PHE C 148 -6.76 -2.02 20.69
CA PHE C 148 -6.60 -0.69 20.11
C PHE C 148 -7.02 -0.65 18.65
N TYR C 149 -7.65 0.46 18.27
CA TYR C 149 -7.99 0.71 16.87
C TYR C 149 -8.24 2.19 16.65
N PRO C 150 -7.75 2.74 15.53
CA PRO C 150 -8.07 4.14 15.20
C PRO C 150 -9.36 4.22 14.38
N MET C 151 -10.07 5.34 14.50
CA MET C 151 -11.30 5.53 13.75
C MET C 151 -11.52 7.00 13.40
N SER C 152 -12.45 7.23 12.46
CA SER C 152 -12.81 8.56 12.03
C SER C 152 -14.28 8.61 11.64
N LYS C 153 -14.91 9.77 11.81
CA LYS C 153 -16.28 9.96 11.36
C LYS C 153 -16.27 10.27 9.86
N LYS C 154 -17.16 9.60 9.14
CA LYS C 154 -17.15 9.64 7.68
C LYS C 154 -17.74 10.94 7.12
N ARG C 155 -17.22 11.35 5.97
CA ARG C 155 -17.74 12.49 5.23
C ARG C 155 -17.99 12.07 3.78
N ASP C 156 -18.98 11.19 3.60
CA ASP C 156 -19.26 10.59 2.30
C ASP C 156 -20.72 10.77 1.91
N GLY C 157 -20.97 11.73 1.03
CA GLY C 157 -22.31 11.99 0.50
C GLY C 157 -23.33 12.21 1.59
N ALA C 158 -24.45 11.50 1.48
CA ALA C 158 -25.55 11.63 2.45
C ALA C 158 -25.09 11.27 3.86
N ASP C 159 -24.03 10.47 3.95
CA ASP C 159 -23.48 10.07 5.24
C ASP C 159 -22.31 10.96 5.63
N ASN C 160 -22.61 12.19 5.99
CA ASN C 160 -21.59 13.16 6.39
C ASN C 160 -21.82 13.62 7.84
N TRP C 161 -20.98 13.12 8.74
CA TRP C 161 -21.10 13.40 10.16
C TRP C 161 -20.93 14.88 10.50
N TYR C 162 -20.00 15.53 9.82
CA TYR C 162 -19.66 16.92 10.13
C TYR C 162 -20.58 17.94 9.46
N MET C 163 -21.53 17.45 8.67
CA MET C 163 -22.54 18.30 8.04
C MET C 163 -23.90 18.14 8.71
N LEU C 164 -24.00 17.22 9.67
CA LEU C 164 -25.22 17.01 10.41
C LEU C 164 -25.54 18.20 11.30
N PRO C 165 -26.85 18.45 11.54
CA PRO C 165 -27.19 19.47 12.54
C PRO C 165 -26.69 19.10 13.92
N MET C 166 -26.45 20.10 14.77
CA MET C 166 -25.94 19.87 16.12
C MET C 166 -26.79 18.90 16.92
N GLU C 167 -28.11 19.13 16.90
CA GLU C 167 -29.04 18.33 17.69
C GLU C 167 -28.98 16.86 17.29
N GLU C 168 -28.91 16.60 15.98
CA GLU C 168 -28.87 15.23 15.47
C GLU C 168 -27.57 14.55 15.92
N ARG C 169 -26.49 15.33 15.96
CA ARG C 169 -25.20 14.81 16.38
C ARG C 169 -25.21 14.41 17.85
N GLN C 170 -25.75 15.31 18.68
CA GLN C 170 -25.87 15.05 20.11
C GLN C 170 -26.63 13.76 20.39
N GLN C 171 -27.74 13.58 19.67
CA GLN C 171 -28.56 12.39 19.81
C GLN C 171 -27.75 11.13 19.52
N LEU C 172 -27.02 11.14 18.41
CA LEU C 172 -26.22 9.99 18.00
C LEU C 172 -25.11 9.71 19.00
N ILE C 173 -24.47 10.76 19.50
CA ILE C 173 -23.43 10.62 20.51
C ILE C 173 -24.05 10.09 21.80
N ARG C 174 -25.22 10.60 22.13
CA ARG C 174 -25.91 10.20 23.36
C ARG C 174 -26.21 8.70 23.35
N ASP C 175 -26.90 8.24 22.31
CA ASP C 175 -27.26 6.84 22.19
C ASP C 175 -26.02 5.95 22.12
N HIS C 176 -24.95 6.48 21.52
CA HIS C 176 -23.68 5.77 21.47
C HIS C 176 -23.09 5.64 22.87
N GLY C 177 -23.21 6.70 23.65
CA GLY C 177 -22.69 6.72 25.01
C GLY C 177 -23.38 5.73 25.91
N LEU C 178 -24.66 5.47 25.64
CA LEU C 178 -25.44 4.52 26.42
C LEU C 178 -24.82 3.13 26.40
N ILE C 179 -24.25 2.76 25.25
CA ILE C 179 -23.66 1.44 25.07
C ILE C 179 -22.38 1.31 25.90
N GLY C 180 -21.55 2.35 25.86
CA GLY C 180 -20.29 2.33 26.56
C GLY C 180 -20.44 2.16 28.06
N ARG C 181 -21.46 2.79 28.63
CA ARG C 181 -21.70 2.72 30.07
C ARG C 181 -22.33 1.39 30.46
N SER C 182 -22.93 0.70 29.49
CA SER C 182 -23.53 -0.60 29.75
C SER C 182 -22.44 -1.67 29.93
N TYR C 183 -21.25 -1.39 29.41
CA TYR C 183 -20.11 -2.29 29.54
C TYR C 183 -19.17 -1.84 30.66
N ALA C 184 -19.63 -0.90 31.48
CA ALA C 184 -18.85 -0.45 32.62
C ALA C 184 -18.63 -1.59 33.60
N GLY C 185 -17.40 -1.75 34.07
CA GLY C 185 -17.06 -2.85 34.97
C GLY C 185 -16.56 -4.06 34.21
N LYS C 186 -16.73 -4.04 32.90
CA LYS C 186 -16.27 -5.14 32.03
C LYS C 186 -15.27 -4.65 31.00
N VAL C 187 -15.52 -3.44 30.48
CA VAL C 187 -14.63 -2.82 29.50
C VAL C 187 -14.34 -1.37 29.88
N GLN C 188 -13.06 -1.07 30.12
CA GLN C 188 -12.64 0.30 30.39
C GLN C 188 -12.06 0.91 29.12
N GLN C 189 -12.49 2.13 28.81
CA GLN C 189 -12.13 2.78 27.55
C GLN C 189 -11.29 4.03 27.77
N ILE C 190 -10.42 4.31 26.80
CA ILE C 190 -9.70 5.57 26.73
C ILE C 190 -9.82 6.12 25.31
N ILE C 191 -10.46 7.28 25.19
CA ILE C 191 -10.63 7.93 23.89
C ILE C 191 -9.58 9.03 23.72
N GLY C 192 -8.78 8.89 22.67
CA GLY C 192 -7.74 9.85 22.37
C GLY C 192 -7.97 10.55 21.05
N GLY C 193 -8.22 11.86 21.12
CA GLY C 193 -8.38 12.66 19.92
C GLY C 193 -7.06 12.80 19.20
N SER C 194 -7.10 12.70 17.87
CA SER C 194 -5.87 12.73 17.07
C SER C 194 -6.00 13.61 15.83
N ILE C 195 -7.06 14.41 15.74
CA ILE C 195 -7.17 15.38 14.66
C ILE C 195 -6.05 16.40 14.83
N GLY C 196 -5.22 16.50 13.80
CA GLY C 196 -4.05 17.38 13.85
C GLY C 196 -2.83 16.68 14.41
N PHE C 197 -3.00 15.43 14.86
CA PHE C 197 -1.92 14.68 15.48
C PHE C 197 -1.56 13.41 14.71
N ASP C 198 -2.54 12.81 14.05
CA ASP C 198 -2.31 11.57 13.30
C ASP C 198 -3.31 11.39 12.16
N ASP C 199 -3.27 10.23 11.52
CA ASP C 199 -3.97 10.00 10.27
C ASP C 199 -5.48 9.81 10.42
N TYR C 200 -5.91 9.22 11.53
CA TYR C 200 -7.34 9.09 11.84
C TYR C 200 -7.74 10.17 12.84
N GLU C 201 -9.03 10.21 13.19
CA GLU C 201 -9.57 11.29 14.02
C GLU C 201 -9.60 10.94 15.50
N TRP C 202 -9.53 9.65 15.82
CA TRP C 202 -9.51 9.19 17.20
C TRP C 202 -8.71 7.91 17.38
N GLY C 203 -8.15 7.74 18.58
CA GLY C 203 -7.48 6.51 18.97
C GLY C 203 -8.23 5.88 20.13
N VAL C 204 -8.79 4.70 19.89
CA VAL C 204 -9.59 4.00 20.89
C VAL C 204 -8.80 2.88 21.54
N THR C 205 -8.80 2.85 22.87
CA THR C 205 -8.14 1.80 23.64
C THR C 205 -9.12 1.15 24.60
N LEU C 206 -9.24 -0.17 24.53
CA LEU C 206 -10.13 -0.93 25.40
C LEU C 206 -9.35 -1.88 26.31
N PHE C 207 -9.76 -1.95 27.57
CA PHE C 207 -9.17 -2.87 28.54
C PHE C 207 -10.23 -3.79 29.13
N SER C 208 -9.96 -5.09 29.13
CA SER C 208 -10.87 -6.07 29.70
C SER C 208 -10.16 -7.36 30.08
N ASP C 209 -10.70 -8.06 31.06
CA ASP C 209 -10.17 -9.36 31.48
C ASP C 209 -10.70 -10.48 30.59
N ASP C 210 -11.71 -10.15 29.77
CA ASP C 210 -12.26 -11.08 28.80
C ASP C 210 -12.22 -10.45 27.41
N ALA C 211 -11.43 -11.04 26.51
CA ALA C 211 -11.22 -10.50 25.18
C ALA C 211 -12.52 -10.44 24.38
N LEU C 212 -13.42 -11.38 24.65
CA LEU C 212 -14.67 -11.46 23.92
C LEU C 212 -15.56 -10.25 24.17
N GLU C 213 -15.30 -9.53 25.27
CA GLU C 213 -16.03 -8.31 25.57
C GLU C 213 -15.72 -7.24 24.53
N PHE C 214 -14.49 -7.26 24.01
CA PHE C 214 -14.11 -6.36 22.92
C PHE C 214 -15.01 -6.59 21.71
N LYS C 215 -15.19 -7.87 21.37
CA LYS C 215 -16.00 -8.26 20.23
C LYS C 215 -17.47 -7.91 20.45
N ARG C 216 -17.90 -7.94 21.70
CA ARG C 216 -19.31 -7.69 22.02
C ARG C 216 -19.65 -6.20 21.96
N ILE C 217 -18.79 -5.37 22.55
CA ILE C 217 -19.06 -3.93 22.62
C ILE C 217 -18.90 -3.26 21.26
N VAL C 218 -17.90 -3.71 20.49
CA VAL C 218 -17.65 -3.12 19.18
C VAL C 218 -18.73 -3.54 18.19
N THR C 219 -19.20 -4.78 18.31
CA THR C 219 -20.28 -5.29 17.46
C THR C 219 -21.57 -4.55 17.76
N GLU C 220 -21.89 -4.38 19.04
CA GLU C 220 -23.11 -3.69 19.43
C GLU C 220 -23.07 -2.25 18.98
N MET C 221 -21.92 -1.62 19.11
CA MET C 221 -21.73 -0.24 18.66
C MET C 221 -21.97 -0.13 17.16
N ARG C 222 -21.54 -1.15 16.42
CA ARG C 222 -21.62 -1.11 14.96
C ARG C 222 -23.06 -1.22 14.46
N PHE C 223 -23.97 -1.65 15.32
CA PHE C 223 -25.38 -1.70 14.98
C PHE C 223 -26.12 -0.45 15.47
N ASP C 224 -25.39 0.43 16.15
CA ASP C 224 -25.90 1.74 16.52
C ASP C 224 -25.57 2.73 15.40
N GLU C 225 -26.50 3.65 15.14
CA GLU C 225 -26.44 4.50 13.95
C GLU C 225 -25.18 5.38 13.89
N ALA C 226 -24.69 5.80 15.05
CA ALA C 226 -23.53 6.67 15.11
C ALA C 226 -22.31 6.02 14.44
N SER C 227 -22.17 4.71 14.64
CA SER C 227 -21.05 3.98 14.06
C SER C 227 -21.48 3.25 12.78
N ALA C 228 -22.71 2.74 12.79
CA ALA C 228 -23.23 2.00 11.65
C ALA C 228 -23.17 2.81 10.36
N ARG C 229 -23.44 4.10 10.48
CA ARG C 229 -23.59 4.96 9.31
C ARG C 229 -22.41 5.90 9.07
N TYR C 230 -21.65 6.22 10.12
CA TYR C 230 -20.66 7.28 10.04
C TYR C 230 -19.24 6.90 10.46
N ALA C 231 -19.03 5.70 10.97
CA ALA C 231 -17.71 5.31 11.48
C ALA C 231 -16.83 4.68 10.41
N GLU C 232 -15.56 5.08 10.41
CA GLU C 232 -14.52 4.44 9.61
C GLU C 232 -13.50 3.84 10.58
N PHE C 233 -13.00 2.65 10.25
CA PHE C 233 -12.10 1.93 11.15
C PHE C 233 -10.77 1.60 10.49
N GLY C 234 -9.69 1.76 11.26
CA GLY C 234 -8.38 1.32 10.82
C GLY C 234 -8.17 -0.12 11.21
N SER C 235 -6.92 -0.49 11.47
CA SER C 235 -6.60 -1.85 11.90
C SER C 235 -6.94 -2.04 13.37
N PHE C 236 -7.17 -3.29 13.75
CA PHE C 236 -7.42 -3.65 15.14
C PHE C 236 -6.24 -4.42 15.71
N PHE C 237 -5.81 -4.04 16.91
CA PHE C 237 -4.72 -4.69 17.61
C PHE C 237 -5.20 -5.21 18.97
N ILE C 238 -5.05 -6.52 19.19
CA ILE C 238 -5.39 -7.13 20.46
C ILE C 238 -4.15 -7.80 21.07
N GLY C 239 -4.08 -7.84 22.40
CA GLY C 239 -2.93 -8.40 23.07
C GLY C 239 -3.16 -8.80 24.51
N ASN C 240 -2.09 -9.27 25.15
CA ASN C 240 -2.15 -9.75 26.54
C ASN C 240 -1.14 -9.02 27.42
N LEU C 241 -1.55 -8.72 28.65
CA LEU C 241 -0.72 -7.97 29.58
C LEU C 241 0.64 -8.62 29.78
N LEU C 242 1.69 -7.81 29.73
CA LEU C 242 3.06 -8.27 29.89
C LEU C 242 3.81 -7.41 30.90
N LEU C 243 4.13 -8.00 32.05
CA LEU C 243 4.85 -7.29 33.11
C LEU C 243 6.36 -7.36 32.89
N SER C 244 7.08 -6.44 33.50
CA SER C 244 8.53 -6.33 33.31
C SER C 244 9.25 -7.60 33.70
N GLU C 245 8.74 -8.29 34.71
CA GLU C 245 9.37 -9.52 35.21
C GLU C 245 9.31 -10.62 34.17
N GLN C 246 8.33 -10.55 33.27
CA GLN C 246 8.12 -11.59 32.27
C GLN C 246 8.83 -11.29 30.96
N LEU C 247 9.66 -10.23 30.96
CA LEU C 247 10.42 -9.86 29.77
C LEU C 247 11.62 -10.78 29.58
N SER C 248 12.28 -11.13 30.68
CA SER C 248 13.43 -12.01 30.63
C SER C 248 13.06 -13.37 30.04
N LYS C 249 11.94 -13.91 30.49
CA LYS C 249 11.45 -15.19 29.99
C LYS C 249 11.08 -15.10 28.51
N LEU C 250 10.49 -13.96 28.12
CA LEU C 250 10.07 -13.76 26.75
C LEU C 250 11.25 -13.76 25.79
N PHE C 251 12.31 -13.06 26.18
CA PHE C 251 13.49 -12.91 25.32
C PHE C 251 14.47 -14.06 25.45
N THR C 252 14.11 -15.07 26.24
CA THR C 252 14.94 -16.26 26.38
C THR C 252 14.49 -17.33 25.40
N ILE C 253 15.37 -17.68 24.47
CA ILE C 253 15.09 -18.69 23.47
C ILE C 253 15.26 -20.09 24.04
N THR D 9 -3.66 33.27 -8.96
CA THR D 9 -3.00 33.22 -7.66
C THR D 9 -1.52 33.59 -7.77
N LEU D 10 -1.01 34.23 -6.72
CA LEU D 10 0.39 34.64 -6.66
C LEU D 10 1.21 33.61 -5.89
N ASP D 11 2.39 33.27 -6.42
CA ASP D 11 3.24 32.24 -5.84
C ASP D 11 4.54 32.82 -5.29
N GLY D 12 5.06 32.19 -4.24
CA GLY D 12 6.28 32.63 -3.60
C GLY D 12 7.38 31.59 -3.64
N TRP D 13 7.95 31.29 -2.49
CA TRP D 13 9.06 30.34 -2.39
C TRP D 13 8.65 28.91 -2.67
N PHE D 14 9.55 28.16 -3.30
CA PHE D 14 9.36 26.72 -3.47
C PHE D 14 9.76 26.01 -2.19
N CYS D 15 8.93 25.06 -1.75
CA CYS D 15 9.08 24.45 -0.44
C CYS D 15 9.37 22.95 -0.52
N LEU D 16 10.17 22.48 0.44
CA LEU D 16 10.48 21.07 0.57
C LEU D 16 10.32 20.61 2.02
N HIS D 17 9.36 19.74 2.26
CA HIS D 17 9.25 19.03 3.53
C HIS D 17 9.99 17.71 3.38
N ASP D 18 11.02 17.51 4.21
CA ASP D 18 11.87 16.32 4.12
C ASP D 18 11.87 15.58 5.45
N PHE D 19 11.15 14.46 5.49
CA PHE D 19 11.02 13.67 6.71
C PHE D 19 12.03 12.53 6.74
N ARG D 20 12.74 12.41 7.86
CA ARG D 20 13.80 11.42 8.01
C ARG D 20 13.67 10.61 9.29
N SER D 21 14.07 9.34 9.22
CA SER D 21 14.17 8.48 10.40
C SER D 21 15.63 8.16 10.69
N ILE D 22 16.00 8.25 11.96
CA ILE D 22 17.38 8.00 12.37
C ILE D 22 17.65 6.50 12.46
N ASP D 23 18.61 6.03 11.67
CA ASP D 23 19.04 4.64 11.70
C ASP D 23 19.96 4.42 12.90
N TRP D 24 19.37 4.24 14.08
CA TRP D 24 20.13 4.14 15.32
C TRP D 24 21.05 2.93 15.34
N ALA D 25 20.64 1.84 14.68
CA ALA D 25 21.44 0.61 14.68
C ALA D 25 22.79 0.83 14.04
N ALA D 26 22.82 1.60 12.95
CA ALA D 26 24.05 1.89 12.24
C ALA D 26 24.84 2.99 12.94
N TRP D 27 24.13 4.01 13.41
CA TRP D 27 24.74 5.13 14.11
C TRP D 27 25.47 4.68 15.36
N ARG D 28 24.95 3.63 15.99
CA ARG D 28 25.51 3.10 17.22
C ARG D 28 26.90 2.50 17.00
N GLU D 29 27.15 2.05 15.78
CA GLU D 29 28.41 1.38 15.46
C GLU D 29 29.56 2.36 15.25
N LEU D 30 29.24 3.61 14.97
CA LEU D 30 30.26 4.64 14.81
C LEU D 30 30.90 5.01 16.13
N ASN D 31 32.22 5.14 16.14
CA ASN D 31 32.93 5.59 17.33
C ASN D 31 32.61 7.05 17.60
N PRO D 32 32.83 7.51 18.85
CA PRO D 32 32.53 8.91 19.20
C PRO D 32 33.25 9.91 18.30
N GLY D 33 34.42 9.55 17.81
CA GLY D 33 35.21 10.43 16.97
C GLY D 33 34.55 10.72 15.64
N ASN D 34 34.06 9.68 14.98
CA ASN D 34 33.42 9.83 13.68
C ASN D 34 32.03 10.42 13.80
N GLN D 35 31.36 10.16 14.92
CA GLN D 35 30.07 10.79 15.19
C GLN D 35 30.24 12.28 15.35
N GLU D 36 31.39 12.68 15.88
CA GLU D 36 31.70 14.09 16.09
C GLU D 36 31.97 14.79 14.75
N LEU D 37 32.66 14.10 13.86
CA LEU D 37 33.02 14.66 12.56
C LEU D 37 31.77 14.90 11.70
N MET D 38 30.85 13.95 11.74
CA MET D 38 29.63 14.05 10.94
C MET D 38 28.72 15.15 11.45
N LEU D 39 28.69 15.35 12.76
CA LEU D 39 27.90 16.43 13.36
C LEU D 39 28.57 17.78 13.08
N ASN D 40 29.89 17.79 13.05
CA ASN D 40 30.62 19.00 12.69
C ASN D 40 30.29 19.44 11.26
N GLU D 41 30.21 18.47 10.36
CA GLU D 41 29.87 18.76 8.97
C GLU D 41 28.43 19.25 8.87
N LEU D 42 27.56 18.71 9.70
CA LEU D 42 26.15 19.08 9.69
C LEU D 42 25.98 20.52 10.13
N SER D 43 26.67 20.89 11.22
CA SER D 43 26.61 22.26 11.73
C SER D 43 27.05 23.25 10.66
N HIS D 44 28.07 22.87 9.89
CA HIS D 44 28.55 23.69 8.79
C HIS D 44 27.47 23.83 7.72
N PHE D 45 26.76 22.73 7.46
CA PHE D 45 25.65 22.75 6.51
C PHE D 45 24.51 23.63 7.01
N LEU D 46 24.23 23.55 8.30
CA LEU D 46 23.16 24.35 8.89
C LEU D 46 23.52 25.84 8.88
N SER D 47 24.79 26.16 9.08
CA SER D 47 25.24 27.55 9.06
C SER D 47 25.08 28.11 7.65
N ASP D 48 25.29 27.26 6.65
CA ASP D 48 25.08 27.63 5.24
C ASP D 48 23.63 28.07 5.04
N MET D 49 22.69 27.25 5.51
CA MET D 49 21.28 27.55 5.40
C MET D 49 20.94 28.89 6.06
N GLU D 50 21.56 29.13 7.21
CA GLU D 50 21.28 30.34 7.99
C GLU D 50 21.70 31.59 7.23
N ILE D 51 22.77 31.49 6.47
CA ILE D 51 23.28 32.62 5.70
C ILE D 51 22.31 32.99 4.58
N THR D 52 21.76 31.98 3.92
CA THR D 52 20.80 32.20 2.84
C THR D 52 19.56 32.91 3.38
N LYS D 53 19.20 32.58 4.62
CA LYS D 53 18.06 33.20 5.27
C LYS D 53 18.36 34.63 5.70
N ASN D 54 19.61 34.89 6.08
CA ASN D 54 20.00 36.22 6.52
C ASN D 54 20.00 37.22 5.38
N ILE D 55 20.17 36.73 4.15
CA ILE D 55 20.14 37.59 2.97
C ILE D 55 18.75 37.57 2.32
N GLY D 56 17.80 36.89 2.97
CA GLY D 56 16.43 36.86 2.51
C GLY D 56 16.21 36.08 1.23
N GLU D 57 17.08 35.10 0.97
CA GLU D 57 16.95 34.27 -0.23
C GLU D 57 16.41 32.88 0.09
N GLY D 58 15.90 32.69 1.31
CA GLY D 58 15.32 31.42 1.69
C GLY D 58 14.98 31.32 3.15
N GLU D 59 14.49 30.16 3.55
CA GLU D 59 14.14 29.89 4.93
C GLU D 59 14.29 28.40 5.21
N HIS D 60 14.46 28.06 6.48
CA HIS D 60 14.55 26.67 6.88
C HIS D 60 14.39 26.50 8.39
N THR D 61 13.90 25.34 8.79
CA THR D 61 13.78 24.99 10.20
C THR D 61 13.77 23.46 10.37
N ILE D 62 13.97 23.01 11.61
CA ILE D 62 14.01 21.58 11.92
C ILE D 62 13.14 21.29 13.14
N TYR D 63 12.31 20.25 13.03
CA TYR D 63 11.45 19.81 14.11
C TYR D 63 11.56 18.30 14.31
N SER D 64 11.50 17.86 15.56
CA SER D 64 11.50 16.44 15.88
C SER D 64 10.08 15.88 15.80
N ILE D 65 9.86 14.96 14.87
CA ILE D 65 8.53 14.39 14.65
C ILE D 65 8.24 13.24 15.61
N LEU D 66 7.00 13.17 16.08
CA LEU D 66 6.55 12.11 16.98
C LEU D 66 6.04 10.89 16.23
N GLY D 67 6.31 9.71 16.78
CA GLY D 67 5.84 8.47 16.20
C GLY D 67 6.83 7.86 15.24
N GLN D 68 6.47 6.72 14.65
CA GLN D 68 7.38 5.97 13.80
C GLN D 68 7.44 6.51 12.37
N LYS D 69 6.56 7.44 12.04
CA LYS D 69 6.53 8.04 10.70
C LYS D 69 7.89 8.64 10.36
N ALA D 70 8.43 9.40 11.30
CA ALA D 70 9.73 10.03 11.14
C ALA D 70 10.27 10.49 12.49
N ASP D 71 11.57 10.79 12.53
CA ASP D 71 12.21 11.31 13.71
C ASP D 71 12.47 12.80 13.56
N LEU D 72 12.68 13.23 12.32
CA LEU D 72 12.99 14.62 12.02
C LEU D 72 12.27 15.07 10.75
N VAL D 73 11.98 16.37 10.67
CA VAL D 73 11.55 16.98 9.43
C VAL D 73 12.44 18.16 9.12
N PHE D 74 12.85 18.28 7.86
CA PHE D 74 13.61 19.43 7.39
C PHE D 74 12.76 20.23 6.42
N PHE D 75 12.21 21.34 6.90
CA PHE D 75 11.39 22.24 6.10
C PHE D 75 12.27 23.32 5.49
N THR D 76 12.37 23.33 4.16
CA THR D 76 13.25 24.28 3.47
C THR D 76 12.48 25.06 2.42
N LEU D 77 12.83 26.34 2.29
CA LEU D 77 12.20 27.24 1.33
C LEU D 77 13.26 27.99 0.53
N ARG D 78 13.10 28.01 -0.78
CA ARG D 78 14.06 28.67 -1.68
C ARG D 78 13.34 29.34 -2.85
N ASP D 79 14.09 30.11 -3.63
CA ASP D 79 13.51 30.95 -4.68
C ASP D 79 13.30 30.22 -6.01
N SER D 80 13.86 29.02 -6.13
CA SER D 80 13.71 28.24 -7.36
C SER D 80 13.86 26.75 -7.11
N LEU D 81 13.40 25.94 -8.06
CA LEU D 81 13.52 24.49 -7.97
C LEU D 81 14.98 24.07 -8.06
N GLU D 82 15.77 24.84 -8.79
CA GLU D 82 17.21 24.60 -8.88
C GLU D 82 17.86 24.92 -7.54
N ALA D 83 17.39 25.99 -6.91
CA ALA D 83 17.91 26.42 -5.62
C ALA D 83 17.38 25.55 -4.49
N LEU D 84 16.42 24.68 -4.81
CA LEU D 84 15.84 23.77 -3.82
C LEU D 84 16.41 22.38 -3.99
N ASN D 85 16.70 22.01 -5.23
CA ASN D 85 17.17 20.66 -5.56
C ASN D 85 18.61 20.42 -5.12
N GLU D 86 19.45 21.47 -5.15
CA GLU D 86 20.85 21.32 -4.76
C GLU D 86 20.97 21.23 -3.25
N VAL D 87 20.05 21.88 -2.53
CA VAL D 87 19.99 21.74 -1.07
C VAL D 87 19.71 20.29 -0.73
N GLU D 88 18.80 19.69 -1.48
CA GLU D 88 18.42 18.30 -1.26
C GLU D 88 19.57 17.35 -1.56
N ASN D 89 20.28 17.62 -2.65
CA ASN D 89 21.44 16.81 -3.02
C ASN D 89 22.62 17.06 -2.11
N ARG D 90 22.86 18.32 -1.78
CA ARG D 90 23.93 18.70 -0.87
C ARG D 90 23.71 18.06 0.50
N PHE D 91 22.45 18.02 0.93
CA PHE D 91 22.09 17.41 2.19
C PHE D 91 22.33 15.91 2.18
N ASN D 92 21.96 15.25 1.09
CA ASN D 92 22.12 13.81 0.97
C ASN D 92 23.58 13.40 0.84
N LYS D 93 24.41 14.32 0.36
CA LYS D 93 25.83 14.06 0.21
C LYS D 93 26.57 14.16 1.54
N LEU D 94 25.87 14.62 2.58
CA LEU D 94 26.43 14.67 3.92
C LEU D 94 26.68 13.26 4.45
N ALA D 95 27.72 13.10 5.25
CA ALA D 95 28.07 11.80 5.80
C ALA D 95 26.96 11.27 6.70
N ILE D 96 26.40 12.15 7.52
CA ILE D 96 25.37 11.77 8.48
C ILE D 96 24.05 11.42 7.79
N ALA D 97 23.88 11.92 6.56
CA ALA D 97 22.65 11.68 5.81
C ALA D 97 22.45 10.19 5.53
N ASP D 98 23.54 9.43 5.54
CA ASP D 98 23.45 7.99 5.37
C ASP D 98 22.63 7.37 6.50
N TYR D 99 22.61 8.05 7.65
CA TYR D 99 21.89 7.59 8.82
C TYR D 99 20.53 8.28 8.95
N LEU D 100 20.18 9.08 7.95
CA LEU D 100 18.89 9.74 7.90
C LEU D 100 18.08 9.17 6.74
N LEU D 101 17.26 8.17 7.04
CA LEU D 101 16.54 7.43 6.02
C LEU D 101 15.26 8.14 5.61
N PRO D 102 15.00 8.24 4.29
CA PRO D 102 13.81 8.95 3.81
C PRO D 102 12.51 8.18 4.08
N THR D 103 11.54 8.84 4.71
CA THR D 103 10.26 8.21 5.03
C THR D 103 9.10 8.90 4.32
N TYR D 104 9.28 10.19 4.02
CA TYR D 104 8.24 10.97 3.36
C TYR D 104 8.77 12.33 2.96
N SER D 105 8.17 12.92 1.93
CA SER D 105 8.54 14.26 1.51
C SER D 105 7.38 14.95 0.81
N TYR D 106 7.49 16.27 0.66
CA TYR D 106 6.48 17.03 -0.05
C TYR D 106 7.07 18.25 -0.74
N ILE D 107 6.63 18.46 -1.98
CA ILE D 107 7.05 19.61 -2.79
C ILE D 107 5.87 20.53 -3.02
N SER D 108 6.08 21.82 -2.79
CA SER D 108 5.02 22.80 -2.97
C SER D 108 5.61 24.19 -3.18
N VAL D 109 4.73 25.17 -3.39
CA VAL D 109 5.14 26.57 -3.52
C VAL D 109 4.16 27.44 -2.75
N VAL D 110 4.72 28.35 -1.94
CA VAL D 110 3.90 29.23 -1.10
C VAL D 110 2.89 29.97 -1.96
N GLU D 111 1.63 29.99 -1.50
CA GLU D 111 0.51 30.42 -2.32
C GLU D 111 -0.34 31.47 -1.63
N LEU D 112 -0.93 32.37 -2.43
CA LEU D 112 -1.81 33.41 -1.92
C LEU D 112 -2.66 33.99 -3.05
N SER D 113 -3.91 34.28 -2.74
CA SER D 113 -4.83 34.85 -3.73
C SER D 113 -4.54 36.33 -3.97
N ASP D 124 -1.32 48.34 -9.86
CA ASP D 124 -0.68 48.23 -8.57
C ASP D 124 0.00 46.87 -8.42
N ASP D 125 1.31 46.88 -8.19
CA ASP D 125 2.09 45.66 -8.11
C ASP D 125 1.94 45.00 -6.74
N PRO D 126 1.40 43.76 -6.69
CA PRO D 126 1.32 43.08 -5.39
C PRO D 126 2.65 42.51 -4.92
N TYR D 127 3.52 42.16 -5.87
CA TYR D 127 4.81 41.53 -5.55
C TYR D 127 5.80 42.51 -4.94
N GLN D 128 5.38 43.75 -4.74
CA GLN D 128 6.20 44.75 -4.04
C GLN D 128 5.55 45.13 -2.72
N ASN D 129 4.25 44.85 -2.60
CA ASN D 129 3.52 45.07 -1.36
C ASN D 129 4.16 44.28 -0.23
N LYS D 130 4.84 45.00 0.67
CA LYS D 130 5.60 44.36 1.75
C LYS D 130 4.70 43.57 2.70
N GLY D 131 3.40 43.80 2.63
CA GLY D 131 2.45 43.01 3.40
C GLY D 131 2.21 41.67 2.74
N VAL D 132 2.30 41.65 1.42
CA VAL D 132 2.13 40.43 0.64
C VAL D 132 3.42 39.63 0.62
N ARG D 133 4.55 40.33 0.62
CA ARG D 133 5.86 39.70 0.61
C ARG D 133 6.08 38.87 1.87
N ALA D 134 5.49 39.31 2.97
CA ALA D 134 5.62 38.63 4.25
C ALA D 134 4.93 37.27 4.24
N ARG D 135 3.99 37.10 3.30
CA ARG D 135 3.26 35.84 3.17
C ARG D 135 3.91 34.92 2.14
N LEU D 136 4.28 35.50 0.99
CA LEU D 136 4.88 34.72 -0.09
C LEU D 136 6.27 34.23 0.27
N TYR D 137 6.98 35.03 1.06
CA TYR D 137 8.33 34.70 1.52
C TYR D 137 8.37 34.75 3.04
N PRO D 138 7.66 33.83 3.70
CA PRO D 138 7.40 33.91 5.14
C PRO D 138 8.59 33.55 6.01
N ALA D 139 8.84 34.38 7.02
CA ALA D 139 9.82 34.05 8.05
C ALA D 139 9.24 32.94 8.92
N LEU D 140 10.03 31.92 9.18
CA LEU D 140 9.58 30.79 9.98
C LEU D 140 9.64 31.15 11.47
N PRO D 141 8.47 31.17 12.15
CA PRO D 141 8.51 31.50 13.57
C PRO D 141 9.06 30.35 14.41
N PRO D 142 9.81 30.66 15.48
CA PRO D 142 10.37 29.60 16.32
C PRO D 142 9.36 29.07 17.35
N LYS D 143 8.21 28.61 16.85
CA LYS D 143 7.16 28.08 17.72
C LYS D 143 7.56 26.71 18.23
N LYS D 144 7.08 26.37 19.42
CA LYS D 144 7.44 25.11 20.09
C LYS D 144 7.09 23.89 19.24
N HIS D 145 6.01 23.98 18.47
CA HIS D 145 5.50 22.82 17.74
C HIS D 145 5.18 23.14 16.28
N ILE D 146 5.08 22.07 15.49
CA ILE D 146 4.73 22.17 14.08
C ILE D 146 3.71 21.10 13.72
N CYS D 147 2.85 21.40 12.76
CA CYS D 147 1.90 20.42 12.22
C CYS D 147 1.85 20.51 10.71
N PHE D 148 2.05 19.37 10.04
CA PHE D 148 1.96 19.32 8.59
C PHE D 148 1.01 18.24 8.11
N TYR D 149 0.29 18.57 7.03
CA TYR D 149 -0.56 17.60 6.35
C TYR D 149 -0.88 18.09 4.94
N PRO D 150 -0.88 17.17 3.97
CA PRO D 150 -1.34 17.54 2.62
C PRO D 150 -2.86 17.40 2.50
N MET D 151 -3.46 18.09 1.53
CA MET D 151 -4.90 17.96 1.33
C MET D 151 -5.31 18.34 -0.10
N SER D 152 -6.53 17.95 -0.45
CA SER D 152 -7.09 18.24 -1.76
C SER D 152 -8.58 18.52 -1.66
N LYS D 153 -9.15 19.09 -2.72
CA LYS D 153 -10.59 19.34 -2.79
C LYS D 153 -11.28 18.19 -3.54
N LYS D 154 -12.39 17.72 -2.97
CA LYS D 154 -13.08 16.54 -3.51
C LYS D 154 -13.69 16.79 -4.88
N ARG D 155 -13.69 15.73 -5.69
CA ARG D 155 -14.39 15.72 -6.97
C ARG D 155 -15.21 14.43 -7.05
N ASP D 156 -16.10 14.25 -6.08
CA ASP D 156 -16.81 12.99 -5.90
C ASP D 156 -18.33 13.19 -5.83
N GLY D 157 -19.02 12.84 -6.92
CA GLY D 157 -20.46 12.92 -6.97
C GLY D 157 -20.99 14.33 -6.82
N ALA D 158 -21.97 14.50 -5.94
CA ALA D 158 -22.57 15.81 -5.70
C ALA D 158 -21.60 16.73 -4.97
N ASP D 159 -20.62 16.13 -4.30
CA ASP D 159 -19.60 16.90 -3.58
C ASP D 159 -18.38 17.13 -4.46
N ASN D 160 -18.53 18.03 -5.43
CA ASN D 160 -17.46 18.36 -6.37
C ASN D 160 -17.10 19.84 -6.30
N TRP D 161 -15.98 20.13 -5.64
CA TRP D 161 -15.51 21.49 -5.42
C TRP D 161 -15.27 22.25 -6.73
N TYR D 162 -14.64 21.58 -7.68
CA TYR D 162 -14.23 22.22 -8.92
C TYR D 162 -15.38 22.40 -9.92
N MET D 163 -16.54 21.84 -9.61
CA MET D 163 -17.72 22.00 -10.44
C MET D 163 -18.67 23.06 -9.85
N LEU D 164 -18.37 23.53 -8.66
CA LEU D 164 -19.17 24.56 -8.03
C LEU D 164 -19.16 25.85 -8.84
N PRO D 165 -20.25 26.65 -8.77
CA PRO D 165 -20.22 27.97 -9.39
C PRO D 165 -19.17 28.88 -8.74
N MET D 166 -18.73 29.89 -9.47
CA MET D 166 -17.73 30.82 -8.96
C MET D 166 -18.20 31.54 -7.71
N GLU D 167 -19.51 31.82 -7.64
CA GLU D 167 -20.08 32.58 -6.54
C GLU D 167 -20.04 31.77 -5.25
N GLU D 168 -20.62 30.58 -5.29
CA GLU D 168 -20.73 29.72 -4.12
C GLU D 168 -19.35 29.29 -3.62
N ARG D 169 -18.48 28.93 -4.54
CA ARG D 169 -17.16 28.43 -4.19
C ARG D 169 -16.35 29.48 -3.44
N GLN D 170 -16.50 30.74 -3.85
CA GLN D 170 -15.78 31.83 -3.19
C GLN D 170 -16.34 32.10 -1.80
N GLN D 171 -17.64 31.87 -1.63
CA GLN D 171 -18.30 32.08 -0.34
C GLN D 171 -17.79 31.08 0.69
N LEU D 172 -17.48 29.86 0.23
CA LEU D 172 -16.95 28.83 1.11
C LEU D 172 -15.55 29.19 1.57
N ILE D 173 -14.78 29.81 0.68
CA ILE D 173 -13.41 30.22 0.99
C ILE D 173 -13.43 31.40 1.96
N ARG D 174 -14.44 32.26 1.81
CA ARG D 174 -14.60 33.41 2.70
C ARG D 174 -14.78 32.95 4.14
N ASP D 175 -15.76 32.09 4.36
CA ASP D 175 -16.08 31.61 5.70
C ASP D 175 -14.94 30.78 6.28
N HIS D 176 -14.23 30.07 5.41
CA HIS D 176 -13.10 29.26 5.83
C HIS D 176 -11.98 30.14 6.39
N GLY D 177 -11.75 31.28 5.74
CA GLY D 177 -10.70 32.20 6.14
C GLY D 177 -10.94 32.84 7.48
N LEU D 178 -12.21 32.93 7.87
CA LEU D 178 -12.58 33.57 9.13
C LEU D 178 -12.10 32.74 10.32
N ILE D 179 -11.94 31.43 10.12
CA ILE D 179 -11.48 30.55 11.18
C ILE D 179 -10.03 30.86 11.53
N GLY D 180 -9.15 30.78 10.54
CA GLY D 180 -7.74 31.06 10.73
C GLY D 180 -7.53 32.48 11.23
N ARG D 181 -8.46 33.37 10.86
CA ARG D 181 -8.44 34.75 11.32
C ARG D 181 -8.67 34.82 12.82
N SER D 182 -9.50 33.92 13.34
CA SER D 182 -9.84 33.90 14.76
C SER D 182 -8.73 33.24 15.59
N TYR D 183 -7.90 32.44 14.94
CA TYR D 183 -6.81 31.75 15.60
C TYR D 183 -5.49 32.52 15.44
N ALA D 184 -5.59 33.81 15.17
CA ALA D 184 -4.42 34.67 15.06
C ALA D 184 -3.74 34.80 16.42
N GLY D 185 -2.42 34.59 16.44
CA GLY D 185 -1.66 34.65 17.68
C GLY D 185 -1.58 33.30 18.37
N LYS D 186 -2.44 32.38 17.93
CA LYS D 186 -2.45 31.02 18.46
C LYS D 186 -1.85 30.05 17.45
N VAL D 187 -2.19 30.24 16.19
CA VAL D 187 -1.69 29.39 15.10
C VAL D 187 -1.29 30.23 13.90
N GLN D 188 -0.15 29.90 13.31
CA GLN D 188 0.30 30.54 12.08
C GLN D 188 0.35 29.51 10.95
N GLN D 189 -0.27 29.85 9.84
CA GLN D 189 -0.40 28.92 8.71
C GLN D 189 0.51 29.29 7.55
N ILE D 190 1.05 28.27 6.90
CA ILE D 190 1.75 28.42 5.63
C ILE D 190 1.11 27.47 4.61
N ILE D 191 0.45 28.06 3.61
CA ILE D 191 -0.22 27.30 2.57
C ILE D 191 0.66 27.21 1.33
N GLY D 192 0.89 25.98 0.87
CA GLY D 192 1.69 25.74 -0.32
C GLY D 192 0.93 24.94 -1.35
N GLY D 193 0.66 25.55 -2.50
CA GLY D 193 0.00 24.85 -3.59
C GLY D 193 0.93 23.82 -4.19
N SER D 194 0.39 22.64 -4.47
CA SER D 194 1.18 21.52 -4.99
C SER D 194 0.55 20.87 -6.22
N ILE D 195 -0.49 21.48 -6.77
CA ILE D 195 -1.09 21.00 -8.01
C ILE D 195 -0.03 21.06 -9.11
N GLY D 196 0.28 19.91 -9.68
CA GLY D 196 1.31 19.81 -10.70
C GLY D 196 2.68 19.55 -10.12
N PHE D 197 2.81 19.64 -8.80
CA PHE D 197 4.09 19.49 -8.12
C PHE D 197 4.16 18.25 -7.24
N ASP D 198 3.02 17.84 -6.70
CA ASP D 198 2.98 16.66 -5.83
C ASP D 198 1.62 15.95 -5.89
N ASP D 199 1.42 14.97 -5.00
CA ASP D 199 0.29 14.04 -5.09
C ASP D 199 -1.04 14.63 -4.61
N TYR D 200 -0.98 15.58 -3.69
CA TYR D 200 -2.16 16.32 -3.27
C TYR D 200 -2.11 17.74 -3.84
N GLU D 201 -3.11 18.55 -3.52
CA GLU D 201 -3.28 19.86 -4.12
C GLU D 201 -2.73 20.99 -3.26
N TRP D 202 -2.59 20.74 -1.95
CA TRP D 202 -2.03 21.74 -1.04
C TRP D 202 -1.27 21.09 0.11
N GLY D 203 -0.15 21.70 0.47
CA GLY D 203 0.60 21.33 1.65
C GLY D 203 0.40 22.38 2.74
N VAL D 204 -0.18 21.98 3.86
CA VAL D 204 -0.50 22.90 4.94
C VAL D 204 0.46 22.71 6.12
N THR D 205 1.16 23.78 6.48
CA THR D 205 2.07 23.77 7.62
C THR D 205 1.59 24.75 8.69
N LEU D 206 1.43 24.25 9.92
CA LEU D 206 0.97 25.08 11.03
C LEU D 206 2.04 25.19 12.12
N PHE D 207 2.13 26.36 12.72
CA PHE D 207 3.06 26.61 13.82
C PHE D 207 2.30 27.10 15.05
N SER D 208 2.72 26.66 16.22
CA SER D 208 2.08 27.04 17.47
C SER D 208 2.92 26.64 18.68
N ASP D 209 2.78 27.38 19.77
CA ASP D 209 3.43 27.04 21.03
C ASP D 209 2.60 26.05 21.83
N ASP D 210 1.34 25.88 21.43
CA ASP D 210 0.43 24.92 22.04
C ASP D 210 -0.08 23.96 20.97
N ALA D 211 0.33 22.70 21.06
CA ALA D 211 -0.02 21.68 20.07
C ALA D 211 -1.52 21.40 20.07
N LEU D 212 -2.18 21.67 21.19
CA LEU D 212 -3.62 21.45 21.29
C LEU D 212 -4.38 22.36 20.35
N GLU D 213 -3.78 23.49 20.00
CA GLU D 213 -4.41 24.46 19.11
C GLU D 213 -4.53 23.91 17.69
N PHE D 214 -3.63 23.00 17.32
CA PHE D 214 -3.70 22.33 16.03
C PHE D 214 -4.99 21.54 15.94
N LYS D 215 -5.27 20.78 16.98
CA LYS D 215 -6.46 19.94 17.04
C LYS D 215 -7.73 20.79 17.03
N ARG D 216 -7.68 21.96 17.66
CA ARG D 216 -8.85 22.82 17.78
C ARG D 216 -9.21 23.49 16.46
N ILE D 217 -8.20 23.98 15.74
CA ILE D 217 -8.45 24.71 14.51
C ILE D 217 -8.84 23.75 13.37
N VAL D 218 -8.21 22.59 13.32
CA VAL D 218 -8.50 21.63 12.26
C VAL D 218 -9.86 21.00 12.48
N THR D 219 -10.23 20.81 13.74
CA THR D 219 -11.55 20.29 14.09
C THR D 219 -12.60 21.32 13.71
N GLU D 220 -12.41 22.56 14.16
CA GLU D 220 -13.33 23.64 13.87
C GLU D 220 -13.49 23.85 12.36
N MET D 221 -12.37 23.69 11.64
CA MET D 221 -12.41 23.75 10.19
C MET D 221 -13.23 22.60 9.62
N ARG D 222 -13.06 21.42 10.21
CA ARG D 222 -13.70 20.21 9.69
C ARG D 222 -15.22 20.24 9.86
N PHE D 223 -15.71 21.12 10.73
CA PHE D 223 -17.14 21.32 10.90
C PHE D 223 -17.66 22.46 10.01
N ASP D 224 -16.75 23.15 9.35
CA ASP D 224 -17.11 24.18 8.38
C ASP D 224 -17.30 23.54 7.01
N GLU D 225 -18.36 23.93 6.32
CA GLU D 225 -18.78 23.25 5.09
C GLU D 225 -17.67 23.13 4.05
N ALA D 226 -16.79 24.13 3.98
CA ALA D 226 -15.70 24.12 3.01
C ALA D 226 -14.89 22.84 3.13
N SER D 227 -14.59 22.43 4.35
CA SER D 227 -13.81 21.22 4.58
C SER D 227 -14.71 20.03 4.89
N ALA D 228 -15.81 20.30 5.61
CA ALA D 228 -16.75 19.26 6.01
C ALA D 228 -17.29 18.47 4.83
N ARG D 229 -17.31 19.10 3.65
CA ARG D 229 -17.92 18.50 2.48
C ARG D 229 -16.92 18.22 1.35
N TYR D 230 -15.82 18.98 1.31
CA TYR D 230 -14.90 18.93 0.16
C TYR D 230 -13.44 18.62 0.51
N ALA D 231 -13.11 18.56 1.79
CA ALA D 231 -11.71 18.34 2.18
C ALA D 231 -11.33 16.86 2.18
N GLU D 232 -10.24 16.56 1.49
CA GLU D 232 -9.61 15.24 1.54
C GLU D 232 -8.22 15.40 2.15
N PHE D 233 -7.91 14.59 3.15
CA PHE D 233 -6.67 14.73 3.91
C PHE D 233 -5.72 13.56 3.71
N GLY D 234 -4.43 13.86 3.75
CA GLY D 234 -3.40 12.84 3.77
C GLY D 234 -2.97 12.57 5.20
N SER D 235 -1.72 12.17 5.39
CA SER D 235 -1.19 11.89 6.71
C SER D 235 -0.93 13.18 7.48
N PHE D 236 -0.94 13.08 8.81
CA PHE D 236 -0.63 14.21 9.69
C PHE D 236 0.67 13.96 10.45
N PHE D 237 1.55 14.97 10.43
CA PHE D 237 2.83 14.90 11.12
C PHE D 237 2.92 16.03 12.14
N ILE D 238 3.27 15.69 13.37
CA ILE D 238 3.41 16.69 14.43
C ILE D 238 4.77 16.53 15.10
N GLY D 239 5.36 17.66 15.49
CA GLY D 239 6.69 17.64 16.08
C GLY D 239 7.00 18.82 16.97
N ASN D 240 8.21 18.80 17.52
CA ASN D 240 8.67 19.84 18.44
C ASN D 240 9.90 20.55 17.89
N LEU D 241 10.05 21.82 18.24
CA LEU D 241 11.18 22.62 17.76
C LEU D 241 12.51 22.00 18.13
N LEU D 242 13.43 21.97 17.17
CA LEU D 242 14.75 21.37 17.38
C LEU D 242 15.86 22.30 16.90
N LEU D 243 16.53 22.95 17.85
CA LEU D 243 17.62 23.87 17.54
C LEU D 243 18.94 23.11 17.41
N SER D 244 19.98 23.81 16.97
CA SER D 244 21.29 23.22 16.81
C SER D 244 21.85 22.75 18.14
N GLU D 245 21.54 23.47 19.21
CA GLU D 245 22.02 23.14 20.54
C GLU D 245 21.32 21.91 21.13
N GLN D 246 20.38 21.36 20.38
CA GLN D 246 19.62 20.19 20.82
C GLN D 246 19.93 18.98 19.93
N LEU D 247 20.48 19.25 18.75
CA LEU D 247 20.81 18.18 17.80
C LEU D 247 21.94 17.30 18.30
N SER D 248 22.85 17.88 19.07
CA SER D 248 24.01 17.14 19.56
C SER D 248 23.61 16.07 20.57
N LYS D 249 22.88 16.47 21.60
CA LYS D 249 22.42 15.54 22.62
C LYS D 249 21.46 14.50 22.03
N LEU D 250 20.77 14.89 20.96
CA LEU D 250 19.86 13.98 20.27
C LEU D 250 20.62 12.80 19.67
N PHE D 251 21.71 13.09 18.97
CA PHE D 251 22.49 12.05 18.31
C PHE D 251 23.52 11.42 19.24
N THR D 252 23.52 11.82 20.51
CA THR D 252 24.37 11.22 21.52
C THR D 252 23.62 10.09 22.24
N ILE D 253 24.11 8.87 22.08
CA ILE D 253 23.50 7.72 22.74
C ILE D 253 23.96 7.64 24.19
N VAL E 7 -13.60 5.53 -32.06
CA VAL E 7 -12.76 5.98 -30.95
C VAL E 7 -11.32 5.54 -31.20
N LYS E 8 -10.82 5.80 -32.40
CA LYS E 8 -9.50 5.34 -32.82
C LYS E 8 -8.39 6.30 -32.39
N THR E 9 -7.15 5.86 -32.55
CA THR E 9 -5.98 6.66 -32.19
C THR E 9 -4.84 6.44 -33.18
N LEU E 10 -3.99 7.46 -33.32
CA LEU E 10 -2.73 7.32 -34.02
C LEU E 10 -1.63 7.14 -32.99
N ASP E 11 -0.75 6.17 -33.22
CA ASP E 11 0.25 5.80 -32.23
C ASP E 11 1.66 5.84 -32.81
N GLY E 12 2.60 6.35 -32.01
CA GLY E 12 3.99 6.49 -32.42
C GLY E 12 4.94 5.71 -31.54
N TRP E 13 5.99 6.38 -31.09
CA TRP E 13 7.04 5.74 -30.29
C TRP E 13 6.53 5.20 -28.96
N PHE E 14 7.05 4.04 -28.57
CA PHE E 14 6.77 3.48 -27.26
C PHE E 14 7.63 4.18 -26.22
N CYS E 15 7.04 4.49 -25.06
CA CYS E 15 7.67 5.35 -24.06
C CYS E 15 7.97 4.64 -22.75
N LEU E 16 9.07 5.04 -22.12
CA LEU E 16 9.48 4.52 -20.82
C LEU E 16 9.97 5.66 -19.92
N HIS E 17 9.21 5.94 -18.88
CA HIS E 17 9.66 6.84 -17.83
C HIS E 17 10.32 6.00 -16.72
N ASP E 18 11.63 6.13 -16.58
CA ASP E 18 12.38 5.32 -15.62
C ASP E 18 12.88 6.17 -14.46
N PHE E 19 12.17 6.12 -13.34
CA PHE E 19 12.54 6.90 -12.16
C PHE E 19 13.53 6.12 -11.28
N ARG E 20 14.57 6.82 -10.84
CA ARG E 20 15.61 6.22 -10.00
C ARG E 20 15.94 7.11 -8.82
N SER E 21 16.40 6.49 -7.73
CA SER E 21 16.93 7.21 -6.59
C SER E 21 18.40 6.83 -6.39
N ILE E 22 19.20 7.81 -5.99
CA ILE E 22 20.63 7.60 -5.79
C ILE E 22 20.92 7.01 -4.42
N ASP E 23 21.61 5.87 -4.41
CA ASP E 23 22.04 5.23 -3.17
C ASP E 23 23.36 5.84 -2.73
N TRP E 24 23.28 6.99 -2.08
CA TRP E 24 24.46 7.75 -1.69
C TRP E 24 25.34 6.99 -0.71
N ALA E 25 24.73 6.19 0.15
CA ALA E 25 25.46 5.44 1.17
C ALA E 25 26.47 4.47 0.54
N ALA E 26 26.01 3.67 -0.41
CA ALA E 26 26.86 2.69 -1.08
C ALA E 26 27.85 3.39 -2.02
N TRP E 27 27.36 4.39 -2.75
CA TRP E 27 28.18 5.14 -3.69
C TRP E 27 29.37 5.80 -2.99
N ARG E 28 29.15 6.21 -1.74
CA ARG E 28 30.17 6.88 -0.95
C ARG E 28 31.34 5.95 -0.64
N GLU E 29 31.05 4.67 -0.44
CA GLU E 29 32.06 3.69 -0.11
C GLU E 29 33.02 3.45 -1.26
N LEU E 30 32.60 3.85 -2.46
CA LEU E 30 33.41 3.66 -3.66
C LEU E 30 34.46 4.75 -3.80
N ASN E 31 35.67 4.37 -4.21
CA ASN E 31 36.74 5.34 -4.40
C ASN E 31 36.53 6.10 -5.70
N PRO E 32 37.12 7.31 -5.81
CA PRO E 32 36.91 8.13 -7.02
C PRO E 32 37.39 7.45 -8.30
N GLY E 33 38.35 6.54 -8.18
CA GLY E 33 38.88 5.82 -9.31
C GLY E 33 37.84 4.89 -9.92
N ASN E 34 37.04 4.27 -9.06
CA ASN E 34 35.98 3.36 -9.51
C ASN E 34 34.72 4.12 -9.89
N GLN E 35 34.40 5.17 -9.14
CA GLN E 35 33.27 6.02 -9.48
C GLN E 35 33.44 6.63 -10.87
N GLU E 36 34.67 7.04 -11.15
CA GLU E 36 35.01 7.61 -12.46
C GLU E 36 34.76 6.59 -13.57
N LEU E 37 35.14 5.35 -13.31
CA LEU E 37 35.03 4.29 -14.30
C LEU E 37 33.56 3.98 -14.63
N MET E 38 32.73 4.01 -13.60
CA MET E 38 31.31 3.74 -13.77
C MET E 38 30.62 4.91 -14.47
N LEU E 39 31.07 6.13 -14.17
CA LEU E 39 30.52 7.32 -14.81
C LEU E 39 30.91 7.36 -16.29
N ASN E 40 32.07 6.78 -16.60
CA ASN E 40 32.53 6.71 -17.99
C ASN E 40 31.70 5.72 -18.79
N GLU E 41 31.34 4.60 -18.16
CA GLU E 41 30.51 3.59 -18.82
C GLU E 41 29.12 4.14 -19.07
N LEU E 42 28.62 4.92 -18.11
CA LEU E 42 27.32 5.57 -18.25
C LEU E 42 27.35 6.56 -19.42
N SER E 43 28.49 7.22 -19.61
CA SER E 43 28.63 8.21 -20.67
C SER E 43 28.58 7.56 -22.05
N HIS E 44 29.23 6.40 -22.18
CA HIS E 44 29.23 5.68 -23.45
C HIS E 44 27.83 5.14 -23.75
N PHE E 45 27.09 4.82 -22.69
CA PHE E 45 25.72 4.36 -22.84
C PHE E 45 24.86 5.47 -23.44
N LEU E 46 25.01 6.68 -22.91
CA LEU E 46 24.22 7.82 -23.37
C LEU E 46 24.65 8.28 -24.76
N SER E 47 25.89 8.00 -25.13
CA SER E 47 26.37 8.35 -26.47
C SER E 47 25.72 7.43 -27.49
N ASP E 48 25.51 6.16 -27.12
CA ASP E 48 24.80 5.22 -27.96
C ASP E 48 23.33 5.61 -28.06
N MET E 49 22.80 6.19 -27.00
CA MET E 49 21.43 6.69 -27.00
C MET E 49 21.30 7.88 -27.95
N GLU E 50 22.36 8.68 -28.02
CA GLU E 50 22.38 9.84 -28.90
C GLU E 50 22.43 9.41 -30.37
N ILE E 51 23.12 8.31 -30.64
CA ILE E 51 23.21 7.78 -31.99
C ILE E 51 21.83 7.33 -32.47
N THR E 52 21.13 6.57 -31.63
CA THR E 52 19.78 6.11 -31.94
C THR E 52 18.86 7.30 -32.22
N LYS E 53 19.10 8.39 -31.51
CA LYS E 53 18.33 9.61 -31.66
C LYS E 53 18.69 10.31 -32.97
N ASN E 54 19.95 10.22 -33.37
CA ASN E 54 20.43 10.89 -34.57
C ASN E 54 20.02 10.15 -35.84
N ILE E 55 19.94 8.83 -35.77
CA ILE E 55 19.49 8.03 -36.91
C ILE E 55 17.96 8.05 -37.01
N GLY E 56 17.31 8.59 -35.98
CA GLY E 56 15.88 8.78 -35.99
C GLY E 56 15.08 7.59 -35.51
N GLU E 57 15.69 6.76 -34.67
CA GLU E 57 15.03 5.56 -34.15
C GLU E 57 14.52 5.75 -32.72
N GLY E 58 14.47 6.99 -32.26
CA GLY E 58 13.93 7.27 -30.93
C GLY E 58 14.39 8.57 -30.33
N GLU E 59 14.15 8.71 -29.02
CA GLU E 59 14.51 9.91 -28.27
C GLU E 59 14.85 9.54 -26.83
N HIS E 60 15.47 10.48 -26.12
CA HIS E 60 15.79 10.27 -24.71
C HIS E 60 16.17 11.58 -24.03
N THR E 61 15.88 11.68 -22.74
CA THR E 61 16.26 12.86 -21.95
C THR E 61 16.35 12.49 -20.47
N ILE E 62 17.02 13.34 -19.70
CA ILE E 62 17.18 13.11 -18.26
C ILE E 62 16.83 14.36 -17.47
N TYR E 63 16.09 14.18 -16.39
CA TYR E 63 15.73 15.27 -15.48
C TYR E 63 15.96 14.86 -14.03
N SER E 64 16.27 15.84 -13.19
CA SER E 64 16.49 15.62 -11.76
C SER E 64 15.21 15.88 -10.98
N ILE E 65 14.59 14.81 -10.48
CA ILE E 65 13.33 14.91 -9.76
C ILE E 65 13.53 15.44 -8.35
N LEU E 66 12.62 16.30 -7.90
CA LEU E 66 12.66 16.85 -6.55
C LEU E 66 11.89 15.96 -5.57
N GLY E 67 12.36 15.91 -4.33
CA GLY E 67 11.73 15.14 -3.29
C GLY E 67 12.21 13.70 -3.24
N GLN E 68 11.62 12.91 -2.34
CA GLN E 68 12.08 11.55 -2.10
C GLN E 68 11.48 10.53 -3.05
N LYS E 69 10.56 10.95 -3.90
CA LYS E 69 9.97 10.04 -4.89
C LYS E 69 11.05 9.49 -5.80
N ALA E 70 12.00 10.34 -6.14
CA ALA E 70 13.10 9.97 -7.02
C ALA E 70 14.16 11.05 -7.04
N ASP E 71 15.32 10.74 -7.62
CA ASP E 71 16.38 11.72 -7.82
C ASP E 71 16.54 11.99 -9.31
N LEU E 72 16.24 10.98 -10.12
CA LEU E 72 16.42 11.04 -11.56
C LEU E 72 15.26 10.38 -12.30
N VAL E 73 14.99 10.87 -13.50
CA VAL E 73 14.06 10.20 -14.41
C VAL E 73 14.73 10.07 -15.77
N PHE E 74 14.67 8.87 -16.33
CA PHE E 74 15.21 8.61 -17.66
C PHE E 74 14.06 8.35 -18.63
N PHE E 75 13.59 9.42 -19.27
CA PHE E 75 12.51 9.33 -20.23
C PHE E 75 13.06 8.91 -21.59
N THR E 76 12.66 7.73 -22.06
CA THR E 76 13.16 7.19 -23.32
C THR E 76 12.02 6.84 -24.27
N LEU E 77 12.27 7.03 -25.56
CA LEU E 77 11.29 6.74 -26.61
C LEU E 77 11.91 5.91 -27.72
N ARG E 78 11.22 4.85 -28.12
CA ARG E 78 11.69 3.95 -29.19
C ARG E 78 10.51 3.51 -30.05
N ASP E 79 10.83 2.93 -31.21
CA ASP E 79 9.80 2.57 -32.19
C ASP E 79 9.30 1.13 -32.03
N SER E 80 9.80 0.43 -31.02
CA SER E 80 9.35 -0.94 -30.73
C SER E 80 9.51 -1.24 -29.25
N LEU E 81 8.83 -2.30 -28.79
CA LEU E 81 8.92 -2.72 -27.40
C LEU E 81 10.18 -3.54 -27.18
N GLU E 82 10.64 -4.23 -28.22
CA GLU E 82 11.90 -4.97 -28.14
C GLU E 82 13.04 -4.01 -27.86
N ALA E 83 13.10 -2.94 -28.64
CA ALA E 83 14.15 -1.93 -28.49
C ALA E 83 14.04 -1.23 -27.14
N LEU E 84 12.81 -0.91 -26.74
CA LEU E 84 12.57 -0.21 -25.49
C LEU E 84 13.00 -1.06 -24.30
N ASN E 85 12.75 -2.36 -24.38
CA ASN E 85 13.13 -3.28 -23.31
C ASN E 85 14.63 -3.55 -23.29
N GLU E 86 15.28 -3.42 -24.44
CA GLU E 86 16.73 -3.62 -24.53
C GLU E 86 17.47 -2.44 -23.89
N VAL E 87 16.96 -1.23 -24.10
CA VAL E 87 17.51 -0.06 -23.44
C VAL E 87 17.41 -0.25 -21.94
N GLU E 88 16.26 -0.72 -21.50
CA GLU E 88 15.98 -0.96 -20.09
C GLU E 88 16.96 -1.98 -19.51
N ASN E 89 17.14 -3.10 -20.22
CA ASN E 89 18.04 -4.15 -19.79
C ASN E 89 19.50 -3.68 -19.79
N ARG E 90 19.88 -2.96 -20.84
CA ARG E 90 21.23 -2.42 -20.93
C ARG E 90 21.52 -1.47 -19.79
N PHE E 91 20.54 -0.63 -19.45
CA PHE E 91 20.69 0.34 -18.38
C PHE E 91 21.03 -0.34 -17.05
N ASN E 92 20.23 -1.33 -16.68
CA ASN E 92 20.42 -2.04 -15.41
C ASN E 92 21.75 -2.80 -15.38
N LYS E 93 22.25 -3.20 -16.54
CA LYS E 93 23.51 -3.91 -16.62
C LYS E 93 24.71 -3.00 -16.39
N LEU E 94 24.47 -1.69 -16.38
CA LEU E 94 25.51 -0.73 -16.06
C LEU E 94 25.90 -0.90 -14.59
N ALA E 95 27.19 -0.81 -14.30
CA ALA E 95 27.67 -0.96 -12.93
C ALA E 95 27.11 0.12 -12.02
N ILE E 96 26.92 1.32 -12.56
CA ILE E 96 26.41 2.44 -11.79
C ILE E 96 24.93 2.26 -11.45
N ALA E 97 24.27 1.39 -12.21
CA ALA E 97 22.83 1.17 -12.03
C ALA E 97 22.51 0.52 -10.69
N ASP E 98 23.47 -0.17 -10.11
CA ASP E 98 23.30 -0.77 -8.79
C ASP E 98 23.06 0.31 -7.74
N TYR E 99 23.52 1.52 -8.04
CA TYR E 99 23.36 2.66 -7.13
C TYR E 99 22.17 3.52 -7.52
N LEU E 100 21.47 3.12 -8.58
CA LEU E 100 20.25 3.79 -9.03
C LEU E 100 19.05 2.89 -8.78
N LEU E 101 18.41 3.08 -7.63
CA LEU E 101 17.35 2.21 -7.18
C LEU E 101 16.02 2.54 -7.87
N PRO E 102 15.33 1.52 -8.43
CA PRO E 102 14.06 1.78 -9.09
C PRO E 102 12.95 2.17 -8.11
N THR E 103 12.30 3.31 -8.35
CA THR E 103 11.27 3.82 -7.45
C THR E 103 9.90 3.88 -8.12
N TYR E 104 9.89 4.03 -9.45
CA TYR E 104 8.64 4.10 -10.20
C TYR E 104 8.92 4.02 -11.69
N SER E 105 7.93 3.58 -12.46
CA SER E 105 8.05 3.55 -13.91
C SER E 105 6.69 3.62 -14.60
N TYR E 106 6.70 3.96 -15.88
CA TYR E 106 5.48 4.01 -16.65
C TYR E 106 5.71 3.71 -18.12
N ILE E 107 5.03 2.68 -18.62
CA ILE E 107 5.09 2.32 -20.03
C ILE E 107 3.87 2.86 -20.76
N SER E 108 4.10 3.41 -21.94
CA SER E 108 3.03 3.97 -22.76
C SER E 108 3.49 4.14 -24.21
N VAL E 109 2.63 4.73 -25.02
CA VAL E 109 2.96 5.01 -26.41
C VAL E 109 2.35 6.36 -26.79
N VAL E 110 3.12 7.17 -27.51
CA VAL E 110 2.66 8.49 -27.92
C VAL E 110 1.36 8.36 -28.71
N GLU E 111 0.33 9.10 -28.28
CA GLU E 111 -1.02 8.90 -28.77
C GLU E 111 -1.67 10.18 -29.28
N LEU E 112 -2.38 10.05 -30.40
CA LEU E 112 -3.23 11.11 -30.92
C LEU E 112 -4.66 10.59 -31.07
N SER E 113 -5.57 11.11 -30.26
CA SER E 113 -6.97 10.69 -30.31
C SER E 113 -7.67 11.27 -31.53
N ASN E 114 -8.77 10.64 -31.92
CA ASN E 114 -9.50 11.02 -33.12
C ASN E 114 -10.66 11.97 -32.86
N TYR E 115 -10.75 12.47 -31.63
CA TYR E 115 -11.84 13.38 -31.24
C TYR E 115 -11.85 14.60 -32.15
N LEU E 116 -10.71 15.27 -32.26
CA LEU E 116 -10.54 16.38 -33.18
C LEU E 116 -9.52 15.98 -34.25
N ALA E 117 -9.63 16.58 -35.43
CA ALA E 117 -8.81 16.20 -36.57
C ALA E 117 -7.38 16.74 -36.45
N SER E 118 -6.41 15.86 -36.70
CA SER E 118 -5.01 16.25 -36.72
C SER E 118 -4.56 16.63 -38.13
N HIS E 119 -5.33 16.21 -39.13
CA HIS E 119 -5.02 16.51 -40.52
C HIS E 119 -6.30 16.52 -41.37
N MET E 120 -6.19 17.06 -42.57
CA MET E 120 -7.33 17.14 -43.48
C MET E 120 -7.58 15.77 -44.14
N ALA E 121 -8.79 15.59 -44.65
CA ALA E 121 -9.15 14.33 -45.31
C ALA E 121 -8.62 14.27 -46.74
N GLY E 122 -8.76 13.12 -47.38
CA GLY E 122 -8.31 12.95 -48.75
C GLY E 122 -8.00 11.52 -49.12
N GLY E 123 -8.49 10.55 -48.35
CA GLY E 123 -8.09 9.17 -48.53
C GLY E 123 -6.59 9.13 -48.40
N ASP E 124 -6.09 9.84 -47.39
CA ASP E 124 -4.69 10.24 -47.29
C ASP E 124 -4.06 9.78 -45.98
N ASP E 125 -3.09 8.89 -46.09
CA ASP E 125 -2.46 8.24 -44.93
C ASP E 125 -1.87 9.25 -43.95
N PRO E 126 -2.33 9.21 -42.68
CA PRO E 126 -1.86 10.21 -41.73
C PRO E 126 -0.40 10.03 -41.34
N TYR E 127 0.09 8.79 -41.38
CA TYR E 127 1.46 8.50 -40.97
C TYR E 127 2.48 9.00 -41.97
N GLN E 128 2.00 9.54 -43.10
CA GLN E 128 2.88 10.14 -44.11
C GLN E 128 2.84 11.66 -44.01
N ASN E 129 2.04 12.17 -43.09
CA ASN E 129 1.96 13.61 -42.84
C ASN E 129 3.10 14.08 -41.95
N LYS E 130 3.92 14.99 -42.45
CA LYS E 130 5.06 15.51 -41.71
C LYS E 130 4.63 16.14 -40.38
N GLY E 131 3.46 16.77 -40.38
CA GLY E 131 2.93 17.41 -39.20
C GLY E 131 2.48 16.42 -38.15
N VAL E 132 1.96 15.29 -38.61
CA VAL E 132 1.50 14.24 -37.70
C VAL E 132 2.69 13.50 -37.10
N ARG E 133 3.67 13.18 -37.94
CA ARG E 133 4.86 12.46 -37.50
C ARG E 133 5.62 13.27 -36.44
N ALA E 134 5.56 14.59 -36.56
CA ALA E 134 6.24 15.46 -35.61
C ALA E 134 5.64 15.34 -34.21
N ARG E 135 4.40 14.84 -34.16
CA ARG E 135 3.69 14.69 -32.88
C ARG E 135 3.80 13.25 -32.37
N LEU E 136 3.80 12.29 -33.29
CA LEU E 136 3.91 10.87 -32.92
C LEU E 136 5.34 10.50 -32.55
N TYR E 137 6.30 11.19 -33.17
CA TYR E 137 7.71 10.94 -32.93
C TYR E 137 8.40 12.25 -32.54
N PRO E 138 7.99 12.81 -31.38
CA PRO E 138 8.36 14.17 -30.98
C PRO E 138 9.82 14.33 -30.57
N ALA E 139 10.45 15.39 -31.07
CA ALA E 139 11.74 15.80 -30.55
C ALA E 139 11.55 16.36 -29.16
N LEU E 140 12.37 15.93 -28.22
CA LEU E 140 12.24 16.35 -26.83
C LEU E 140 12.84 17.75 -26.64
N PRO E 141 12.00 18.72 -26.25
CA PRO E 141 12.51 20.09 -26.08
C PRO E 141 13.37 20.22 -24.83
N PRO E 142 14.52 20.92 -24.94
CA PRO E 142 15.41 21.08 -23.78
C PRO E 142 14.92 22.16 -22.83
N LYS E 143 13.69 22.02 -22.34
CA LYS E 143 13.14 22.97 -21.38
C LYS E 143 13.79 22.77 -20.01
N LYS E 144 13.68 23.79 -19.16
CA LYS E 144 14.33 23.77 -17.86
C LYS E 144 13.71 22.77 -16.90
N HIS E 145 12.42 22.50 -17.07
CA HIS E 145 11.70 21.63 -16.15
C HIS E 145 10.81 20.63 -16.86
N ILE E 146 10.41 19.60 -16.12
CA ILE E 146 9.52 18.56 -16.61
C ILE E 146 8.47 18.24 -15.56
N CYS E 147 7.28 17.85 -16.00
CA CYS E 147 6.22 17.41 -15.10
C CYS E 147 5.54 16.18 -15.67
N PHE E 148 5.52 15.10 -14.91
CA PHE E 148 4.88 13.86 -15.33
C PHE E 148 3.83 13.39 -14.32
N TYR E 149 2.72 12.88 -14.85
CA TYR E 149 1.68 12.32 -14.01
C TYR E 149 0.78 11.40 -14.84
N PRO E 150 0.47 10.21 -14.31
CA PRO E 150 -0.49 9.34 -15.02
C PRO E 150 -1.93 9.74 -14.69
N MET E 151 -2.87 9.30 -15.51
CA MET E 151 -4.27 9.58 -15.23
C MET E 151 -5.22 8.63 -15.96
N SER E 152 -6.47 8.63 -15.53
CA SER E 152 -7.51 7.82 -16.15
C SER E 152 -8.86 8.54 -16.07
N LYS E 153 -9.79 8.15 -16.92
CA LYS E 153 -11.13 8.73 -16.90
C LYS E 153 -12.02 7.94 -15.95
N LYS E 154 -12.83 8.66 -15.17
CA LYS E 154 -13.66 8.03 -14.15
C LYS E 154 -14.81 7.21 -14.75
N ARG E 155 -15.10 6.09 -14.09
CA ARG E 155 -16.28 5.29 -14.40
C ARG E 155 -17.01 4.99 -13.09
N ASP E 156 -17.46 6.05 -12.42
CA ASP E 156 -18.01 5.95 -11.08
C ASP E 156 -19.39 6.62 -10.98
N GLY E 157 -20.43 5.80 -11.04
CA GLY E 157 -21.79 6.29 -10.90
C GLY E 157 -22.21 7.21 -12.01
N ALA E 158 -22.68 8.41 -11.64
CA ALA E 158 -23.14 9.38 -12.62
C ALA E 158 -21.98 9.90 -13.47
N ASP E 159 -20.79 9.95 -12.88
CA ASP E 159 -19.60 10.43 -13.57
C ASP E 159 -18.89 9.29 -14.29
N ASN E 160 -19.51 8.79 -15.36
CA ASN E 160 -18.95 7.70 -16.15
C ASN E 160 -18.59 8.19 -17.56
N TRP E 161 -17.29 8.39 -17.79
CA TRP E 161 -16.78 8.92 -19.05
C TRP E 161 -17.06 7.98 -20.23
N TYR E 162 -16.95 6.69 -19.99
CA TYR E 162 -17.05 5.70 -21.06
C TYR E 162 -18.50 5.32 -21.38
N MET E 163 -19.44 5.89 -20.64
CA MET E 163 -20.86 5.72 -20.93
C MET E 163 -21.42 6.96 -21.63
N LEU E 164 -20.61 8.02 -21.69
CA LEU E 164 -21.03 9.23 -22.38
C LEU E 164 -21.21 8.98 -23.87
N PRO E 165 -22.18 9.68 -24.49
CA PRO E 165 -22.26 9.65 -25.95
C PRO E 165 -20.99 10.23 -26.59
N MET E 166 -20.66 9.78 -27.80
CA MET E 166 -19.48 10.26 -28.51
C MET E 166 -19.49 11.78 -28.63
N GLU E 167 -20.63 12.34 -29.02
CA GLU E 167 -20.74 13.77 -29.25
C GLU E 167 -20.51 14.57 -27.96
N GLU E 168 -20.76 13.93 -26.81
CA GLU E 168 -20.54 14.58 -25.53
C GLU E 168 -19.07 14.55 -25.14
N ARG E 169 -18.42 13.40 -25.34
CA ARG E 169 -17.00 13.28 -25.07
C ARG E 169 -16.21 14.25 -25.95
N GLN E 170 -16.69 14.45 -27.17
CA GLN E 170 -16.06 15.38 -28.12
C GLN E 170 -16.09 16.81 -27.59
N GLN E 171 -17.26 17.26 -27.19
CA GLN E 171 -17.42 18.62 -26.65
C GLN E 171 -16.50 18.84 -25.47
N LEU E 172 -16.42 17.84 -24.60
CA LEU E 172 -15.59 17.92 -23.41
C LEU E 172 -14.11 18.01 -23.76
N ILE E 173 -13.66 17.12 -24.64
CA ILE E 173 -12.27 17.14 -25.11
C ILE E 173 -11.99 18.43 -25.86
N ARG E 174 -13.00 18.92 -26.59
CA ARG E 174 -12.85 20.15 -27.36
C ARG E 174 -12.58 21.33 -26.44
N ASP E 175 -13.43 21.49 -25.43
CA ASP E 175 -13.25 22.57 -24.46
C ASP E 175 -11.96 22.39 -23.67
N HIS E 176 -11.62 21.13 -23.39
CA HIS E 176 -10.39 20.79 -22.70
C HIS E 176 -9.18 21.19 -23.52
N GLY E 177 -9.26 20.98 -24.84
CA GLY E 177 -8.16 21.28 -25.73
C GLY E 177 -7.87 22.76 -25.86
N LEU E 178 -8.90 23.59 -25.63
CA LEU E 178 -8.74 25.04 -25.73
C LEU E 178 -7.78 25.57 -24.67
N ILE E 179 -7.85 25.01 -23.47
CA ILE E 179 -6.96 25.40 -22.39
C ILE E 179 -5.53 24.99 -22.71
N GLY E 180 -5.36 23.75 -23.18
CA GLY E 180 -4.05 23.26 -23.56
C GLY E 180 -3.46 24.07 -24.70
N ARG E 181 -4.31 24.47 -25.64
CA ARG E 181 -3.87 25.24 -26.79
C ARG E 181 -3.59 26.70 -26.42
N SER E 182 -4.01 27.08 -25.22
CA SER E 182 -3.80 28.45 -24.73
C SER E 182 -2.42 28.61 -24.09
N TYR E 183 -1.85 27.51 -23.63
CA TYR E 183 -0.52 27.52 -23.02
C TYR E 183 0.55 27.20 -24.05
N ALA E 184 0.27 27.50 -25.31
CA ALA E 184 1.24 27.31 -26.38
C ALA E 184 2.43 28.24 -26.18
N GLY E 185 3.62 27.74 -26.50
CA GLY E 185 4.84 28.52 -26.36
C GLY E 185 5.34 28.57 -24.92
N LYS E 186 4.57 27.97 -24.01
CA LYS E 186 4.90 27.96 -22.59
C LYS E 186 4.95 26.53 -22.06
N VAL E 187 4.00 25.71 -22.51
CA VAL E 187 3.92 24.32 -22.09
C VAL E 187 3.69 23.41 -23.29
N GLN E 188 4.64 22.52 -23.55
CA GLN E 188 4.50 21.50 -24.59
C GLN E 188 4.07 20.20 -23.95
N GLN E 189 3.16 19.49 -24.62
CA GLN E 189 2.56 18.27 -24.06
C GLN E 189 2.86 17.04 -24.90
N ILE E 190 3.23 15.96 -24.21
CA ILE E 190 3.36 14.64 -24.83
C ILE E 190 2.35 13.70 -24.17
N ILE E 191 1.32 13.33 -24.92
CA ILE E 191 0.29 12.42 -24.43
C ILE E 191 0.63 10.99 -24.80
N GLY E 192 0.85 10.17 -23.79
CA GLY E 192 1.13 8.75 -23.98
C GLY E 192 -0.03 7.89 -23.52
N GLY E 193 -0.65 7.19 -24.47
CA GLY E 193 -1.72 6.26 -24.13
C GLY E 193 -1.14 4.99 -23.54
N SER E 194 -1.81 4.45 -22.52
CA SER E 194 -1.28 3.30 -21.79
C SER E 194 -2.35 2.26 -21.44
N ILE E 195 -3.53 2.39 -22.04
CA ILE E 195 -4.57 1.38 -21.84
C ILE E 195 -4.05 0.04 -22.36
N GLY E 196 -3.97 -0.94 -21.46
CA GLY E 196 -3.44 -2.24 -21.81
C GLY E 196 -1.93 -2.31 -21.66
N PHE E 197 -1.32 -1.20 -21.30
CA PHE E 197 0.14 -1.10 -21.16
C PHE E 197 0.57 -0.85 -19.72
N ASP E 198 -0.27 -0.15 -18.95
CA ASP E 198 0.06 0.16 -17.56
C ASP E 198 -1.19 0.40 -16.72
N ASP E 199 -0.98 0.78 -15.46
CA ASP E 199 -2.05 0.80 -14.47
C ASP E 199 -3.01 1.96 -14.61
N TYR E 200 -2.62 2.98 -15.38
CA TYR E 200 -3.51 4.09 -15.71
C TYR E 200 -3.75 4.11 -17.22
N GLU E 201 -4.58 5.04 -17.68
CA GLU E 201 -5.01 5.07 -19.07
C GLU E 201 -4.14 6.01 -19.92
N TRP E 202 -3.50 6.98 -19.28
CA TRP E 202 -2.60 7.89 -19.97
C TRP E 202 -1.42 8.28 -19.09
N GLY E 203 -0.29 8.56 -19.73
CA GLY E 203 0.88 9.12 -19.08
C GLY E 203 1.20 10.47 -19.68
N VAL E 204 0.92 11.53 -18.91
CA VAL E 204 1.07 12.90 -19.41
C VAL E 204 2.41 13.50 -19.01
N THR E 205 3.15 14.01 -20.00
CA THR E 205 4.44 14.64 -19.77
C THR E 205 4.41 16.10 -20.23
N LEU E 206 4.75 17.00 -19.32
CA LEU E 206 4.79 18.43 -19.63
C LEU E 206 6.21 18.97 -19.59
N PHE E 207 6.48 19.96 -20.45
CA PHE E 207 7.77 20.64 -20.48
C PHE E 207 7.56 22.15 -20.44
N SER E 208 8.38 22.84 -19.65
CA SER E 208 8.31 24.30 -19.57
C SER E 208 9.56 24.89 -18.92
N ASP E 209 9.90 26.12 -19.31
CA ASP E 209 11.01 26.84 -18.69
C ASP E 209 10.58 27.50 -17.38
N ASP E 210 9.28 27.49 -17.12
CA ASP E 210 8.74 28.01 -15.87
C ASP E 210 7.85 26.95 -15.24
N ALA E 211 8.27 26.45 -14.07
CA ALA E 211 7.56 25.38 -13.40
C ALA E 211 6.18 25.82 -12.93
N LEU E 212 6.00 27.12 -12.71
CA LEU E 212 4.72 27.66 -12.27
C LEU E 212 3.64 27.47 -13.34
N GLU E 213 4.07 27.34 -14.59
CA GLU E 213 3.13 27.11 -15.69
C GLU E 213 2.46 25.75 -15.55
N PHE E 214 3.18 24.78 -15.02
CA PHE E 214 2.62 23.46 -14.74
C PHE E 214 1.45 23.58 -13.76
N LYS E 215 1.68 24.33 -12.69
CA LYS E 215 0.66 24.53 -11.68
C LYS E 215 -0.51 25.35 -12.23
N ARG E 216 -0.19 26.24 -13.17
CA ARG E 216 -1.22 27.10 -13.77
C ARG E 216 -2.12 26.33 -14.72
N ILE E 217 -1.53 25.47 -15.56
CA ILE E 217 -2.30 24.75 -16.58
C ILE E 217 -3.14 23.63 -15.95
N VAL E 218 -2.56 22.87 -15.03
CA VAL E 218 -3.26 21.74 -14.42
C VAL E 218 -4.41 22.24 -13.56
N THR E 219 -4.21 23.39 -12.91
CA THR E 219 -5.25 23.98 -12.07
C THR E 219 -6.42 24.46 -12.93
N GLU E 220 -6.11 25.20 -13.99
CA GLU E 220 -7.14 25.72 -14.88
C GLU E 220 -7.88 24.57 -15.55
N MET E 221 -7.14 23.51 -15.89
CA MET E 221 -7.74 22.32 -16.47
C MET E 221 -8.70 21.64 -15.51
N ARG E 222 -8.33 21.61 -14.22
CA ARG E 222 -9.11 20.91 -13.21
C ARG E 222 -10.43 21.61 -12.92
N PHE E 223 -10.59 22.83 -13.41
CA PHE E 223 -11.85 23.55 -13.30
C PHE E 223 -12.71 23.38 -14.55
N ASP E 224 -12.13 22.77 -15.58
CA ASP E 224 -12.87 22.42 -16.78
C ASP E 224 -13.55 21.07 -16.56
N GLU E 225 -14.81 20.97 -16.96
CA GLU E 225 -15.65 19.81 -16.62
C GLU E 225 -15.03 18.47 -17.01
N ALA E 226 -14.26 18.45 -18.09
CA ALA E 226 -13.65 17.21 -18.57
C ALA E 226 -12.77 16.58 -17.50
N SER E 227 -12.08 17.42 -16.73
CA SER E 227 -11.19 16.95 -15.68
C SER E 227 -11.82 17.13 -14.30
N ALA E 228 -12.63 18.17 -14.16
CA ALA E 228 -13.29 18.45 -12.90
C ALA E 228 -14.18 17.29 -12.47
N ARG E 229 -14.75 16.60 -13.46
CA ARG E 229 -15.77 15.58 -13.21
C ARG E 229 -15.27 14.16 -13.45
N TYR E 230 -14.38 13.98 -14.42
CA TYR E 230 -14.03 12.64 -14.90
C TYR E 230 -12.56 12.24 -14.74
N ALA E 231 -11.72 13.15 -14.24
CA ALA E 231 -10.29 12.86 -14.15
C ALA E 231 -9.89 12.14 -12.86
N GLU E 232 -9.08 11.10 -13.00
CA GLU E 232 -8.42 10.45 -11.87
C GLU E 232 -6.91 10.62 -12.03
N PHE E 233 -6.26 11.15 -11.00
CA PHE E 233 -4.83 11.46 -11.07
C PHE E 233 -3.99 10.55 -10.19
N GLY E 234 -2.81 10.20 -10.69
CA GLY E 234 -1.82 9.47 -9.92
C GLY E 234 -0.84 10.43 -9.28
N SER E 235 0.39 9.98 -9.06
CA SER E 235 1.42 10.82 -8.46
C SER E 235 2.01 11.78 -9.47
N PHE E 236 2.38 12.97 -9.00
CA PHE E 236 3.03 13.98 -9.82
C PHE E 236 4.54 14.00 -9.56
N PHE E 237 5.32 14.18 -10.63
CA PHE E 237 6.77 14.25 -10.53
C PHE E 237 7.28 15.52 -11.20
N ILE E 238 7.99 16.35 -10.43
CA ILE E 238 8.55 17.60 -10.94
C ILE E 238 10.07 17.52 -10.93
N GLY E 239 10.71 17.99 -11.99
CA GLY E 239 12.15 17.87 -12.13
C GLY E 239 12.83 18.98 -12.91
N ASN E 240 14.15 19.02 -12.79
CA ASN E 240 14.98 19.99 -13.51
C ASN E 240 15.86 19.29 -14.54
N LEU E 241 16.03 19.93 -15.69
CA LEU E 241 16.84 19.35 -16.78
C LEU E 241 18.27 19.06 -16.33
N LEU E 242 18.82 17.96 -16.83
CA LEU E 242 20.18 17.55 -16.50
C LEU E 242 20.89 16.99 -17.72
N LEU E 243 21.99 17.62 -18.10
CA LEU E 243 22.77 17.18 -19.27
C LEU E 243 23.82 16.16 -18.89
N SER E 244 24.31 15.43 -19.89
CA SER E 244 25.31 14.39 -19.68
C SER E 244 26.55 14.93 -18.97
N GLU E 245 26.94 16.16 -19.30
CA GLU E 245 28.13 16.78 -18.74
C GLU E 245 27.91 17.22 -17.29
N GLN E 246 26.67 17.16 -16.83
CA GLN E 246 26.33 17.55 -15.46
C GLN E 246 26.31 16.35 -14.51
N LEU E 247 26.50 15.15 -15.07
CA LEU E 247 26.41 13.92 -14.28
C LEU E 247 27.55 13.79 -13.27
N SER E 248 28.78 13.90 -13.74
CA SER E 248 29.95 13.76 -12.87
C SER E 248 29.90 14.78 -11.74
N LYS E 249 29.37 15.96 -12.04
CA LYS E 249 29.17 17.00 -11.04
C LYS E 249 28.21 16.51 -9.95
N LEU E 250 27.13 15.88 -10.39
CA LEU E 250 26.09 15.40 -9.47
C LEU E 250 26.60 14.25 -8.61
N PHE E 251 27.35 13.33 -9.21
CA PHE E 251 27.81 12.14 -8.51
C PHE E 251 29.15 12.35 -7.80
N THR E 252 29.48 13.61 -7.53
CA THR E 252 30.68 13.95 -6.75
C THR E 252 30.31 14.40 -5.35
N ILE E 253 30.61 13.58 -4.36
CA ILE E 253 30.39 13.93 -2.96
C ILE E 253 31.50 14.85 -2.47
#